data_5XRQ
#
_entry.id   5XRQ
#
_cell.length_a   135.126
_cell.length_b   135.126
_cell.length_c   78.530
_cell.angle_alpha   90.00
_cell.angle_beta   90.00
_cell.angle_gamma   120.00
#
_symmetry.space_group_name_H-M   'P 31'
#
loop_
_entity.id
_entity.type
_entity.pdbx_description
1 polymer 'Fab H3v-47 heavy chain'
2 polymer 'Fab H3v-47 light chain'
3 water water
#
loop_
_entity_poly.entity_id
_entity_poly.type
_entity_poly.pdbx_seq_one_letter_code
_entity_poly.pdbx_strand_id
1 'polypeptide(L)'
;QVQLVQSGAEVKKPGSSVRVSCKASGDTFSSYSITWVRQAPGHGLQWMGGIFPIFGSTNYAQKFDDRLTITTDDSSRTVY
MELTSLRLEDTAVYYCARGASKVEPAAPAYSDAFDMWGQGTLVTVSSASTKGPSVFPLAPSSKSTSGGTAALGCLVKDYF
PEPVTVSWNSGALTSGVHTFPAVLQSSGLYSLSSVVTVPSSSLGTQTYICNVNHKPSNTKVDKRVEPKSCHHHHHH
;
H,A
2 'polypeptide(L)'
;DIVMTQSPGTLSLSPGERATLSCRTSQGVSSSYLAWYQQKPGQAPRLLISGSSSRATGIPDRFSGSGSGRDFTLTISRLE
PEDSAVYYCQQYATSPTFGQGTRVEIKRTVAAPSVFIFPPSDEQLKSGTASVVCLLNNFYPREAKVQWKVDNALQSGNSQ
ESVTEQDSKDSTYSLSSTLTLSKADYEKHKVYACEVTHQGLSSPVTKSFNRGEC
;
L,B
#
# COMPACT_ATOMS: atom_id res chain seq x y z
N GLN A 1 -6.45 -14.45 1.49
CA GLN A 1 -7.76 -13.94 1.85
C GLN A 1 -7.73 -12.43 2.02
N VAL A 2 -7.96 -11.71 0.93
CA VAL A 2 -7.98 -10.25 0.95
C VAL A 2 -9.31 -9.78 1.57
N GLN A 3 -9.29 -9.46 2.86
CA GLN A 3 -10.51 -9.39 3.66
C GLN A 3 -10.82 -7.98 4.16
N LEU A 4 -12.02 -7.86 4.74
CA LEU A 4 -12.49 -6.66 5.43
C LEU A 4 -12.94 -7.09 6.83
N VAL A 5 -12.38 -6.46 7.87
CA VAL A 5 -12.72 -6.81 9.25
C VAL A 5 -13.30 -5.59 9.97
N GLN A 6 -14.39 -5.82 10.70
CA GLN A 6 -15.20 -4.76 11.28
C GLN A 6 -15.21 -4.80 12.80
N SER A 7 -15.60 -3.66 13.39
CA SER A 7 -15.74 -3.59 14.83
C SER A 7 -16.92 -4.43 15.30
N GLY A 8 -17.02 -4.56 16.62
CA GLY A 8 -18.10 -5.31 17.19
C GLY A 8 -19.38 -4.51 17.17
N ALA A 9 -20.46 -5.24 17.26
CA ALA A 9 -21.80 -4.69 17.38
C ALA A 9 -21.98 -4.02 18.73
N GLU A 10 -22.98 -3.14 18.80
CA GLU A 10 -23.19 -2.29 19.96
C GLU A 10 -24.68 -2.12 20.20
N VAL A 11 -25.03 -1.67 21.40
CA VAL A 11 -26.35 -1.11 21.70
C VAL A 11 -26.14 0.38 21.89
N LYS A 12 -27.08 1.19 21.37
CA LYS A 12 -26.94 2.65 21.48
C LYS A 12 -28.30 3.24 21.80
N LYS A 13 -28.36 4.04 22.87
CA LYS A 13 -29.59 4.73 23.20
C LYS A 13 -29.97 5.65 22.05
N PRO A 14 -31.25 5.87 21.80
CA PRO A 14 -31.65 6.78 20.72
C PRO A 14 -31.05 8.16 20.90
N GLY A 15 -30.99 8.95 19.85
CA GLY A 15 -30.42 10.27 19.97
C GLY A 15 -28.92 10.31 20.18
N SER A 16 -28.26 9.15 20.32
CA SER A 16 -26.81 9.07 20.46
C SER A 16 -26.16 8.92 19.07
N SER A 17 -24.90 8.46 19.03
CA SER A 17 -24.13 8.34 17.80
C SER A 17 -23.16 7.17 17.91
N VAL A 18 -23.20 6.26 16.93
CA VAL A 18 -22.27 5.13 16.90
C VAL A 18 -21.30 5.34 15.75
N ARG A 19 -20.13 4.74 15.90
CA ARG A 19 -19.17 4.66 14.83
C ARG A 19 -18.70 3.20 14.66
N VAL A 20 -18.65 2.76 13.39
CA VAL A 20 -18.24 1.41 13.03
C VAL A 20 -16.99 1.47 12.15
N SER A 21 -16.03 0.60 12.45
CA SER A 21 -14.72 0.56 11.82
C SER A 21 -14.68 -0.49 10.71
N CYS A 22 -13.77 -0.28 9.76
CA CYS A 22 -13.64 -1.17 8.61
C CYS A 22 -12.16 -1.22 8.23
N LYS A 23 -11.50 -2.32 8.55
CA LYS A 23 -10.06 -2.45 8.39
C LYS A 23 -9.74 -3.39 7.24
N ALA A 24 -8.91 -2.91 6.29
CA ALA A 24 -8.68 -3.52 4.97
C ALA A 24 -7.29 -4.16 4.85
N SER A 25 -6.86 -4.39 3.59
CA SER A 25 -5.66 -5.20 3.28
C SER A 25 -4.48 -4.39 2.75
N GLY A 26 -4.69 -3.12 2.42
CA GLY A 26 -3.64 -2.33 1.82
C GLY A 26 -3.83 -2.24 0.33
N ASP A 27 -3.86 -3.40 -0.33
CA ASP A 27 -4.27 -3.43 -1.73
C ASP A 27 -5.61 -2.74 -1.90
N THR A 28 -6.64 -3.27 -1.23
CA THR A 28 -7.97 -2.67 -1.25
C THR A 28 -7.90 -1.19 -0.91
N PHE A 29 -7.11 -0.83 0.11
CA PHE A 29 -7.05 0.54 0.61
C PHE A 29 -6.44 1.49 -0.41
N SER A 30 -5.57 0.99 -1.31
CA SER A 30 -4.97 1.87 -2.30
C SER A 30 -5.89 2.12 -3.49
N SER A 31 -6.47 1.06 -4.06
CA SER A 31 -6.91 1.13 -5.45
C SER A 31 -8.42 0.97 -5.66
N TYR A 32 -9.22 0.90 -4.58
CA TYR A 32 -10.64 0.60 -4.67
C TYR A 32 -11.45 1.59 -3.84
N SER A 33 -12.78 1.46 -3.88
CA SER A 33 -13.70 2.27 -3.08
C SER A 33 -14.41 1.41 -2.04
N ILE A 34 -14.55 1.92 -0.81
CA ILE A 34 -15.20 1.21 0.29
C ILE A 34 -16.53 1.87 0.64
N THR A 35 -17.61 1.06 0.67
CA THR A 35 -18.98 1.52 0.84
C THR A 35 -19.57 0.98 2.14
N TRP A 36 -20.61 1.67 2.61
CA TRP A 36 -21.39 1.25 3.78
C TRP A 36 -22.83 1.00 3.34
N VAL A 37 -23.23 -0.27 3.35
CA VAL A 37 -24.60 -0.71 3.07
C VAL A 37 -25.16 -1.28 4.37
N ARG A 38 -26.37 -0.86 4.75
CA ARG A 38 -27.02 -1.37 5.94
C ARG A 38 -28.25 -2.18 5.57
N GLN A 39 -28.59 -3.13 6.43
CA GLN A 39 -29.69 -4.05 6.18
C GLN A 39 -30.50 -4.24 7.46
N ALA A 40 -31.79 -3.96 7.38
CA ALA A 40 -32.69 -4.12 8.49
C ALA A 40 -34.02 -4.68 8.01
N PRO A 41 -34.75 -5.38 8.88
CA PRO A 41 -36.06 -5.92 8.48
C PRO A 41 -37.04 -4.85 8.04
N GLY A 42 -37.65 -5.07 6.88
CA GLY A 42 -38.72 -4.21 6.41
C GLY A 42 -38.34 -3.24 5.33
N HIS A 43 -37.04 -2.91 5.19
CA HIS A 43 -36.58 -2.21 3.99
C HIS A 43 -35.23 -2.65 3.43
N GLY A 44 -34.70 -3.76 3.95
CA GLY A 44 -33.63 -4.54 3.37
C GLY A 44 -32.33 -3.78 3.20
N LEU A 45 -31.69 -3.97 2.05
CA LEU A 45 -30.36 -3.45 1.78
C LEU A 45 -30.45 -1.99 1.37
N GLN A 46 -29.80 -1.11 2.14
CA GLN A 46 -29.94 0.33 1.98
C GLN A 46 -28.55 0.93 1.87
N TRP A 47 -28.29 1.58 0.74
CA TRP A 47 -27.00 2.23 0.59
C TRP A 47 -26.94 3.50 1.44
N MET A 48 -25.78 3.73 2.04
CA MET A 48 -25.57 4.90 2.89
C MET A 48 -24.54 5.85 2.31
N GLY A 49 -23.32 5.38 2.04
CA GLY A 49 -22.24 6.24 1.58
C GLY A 49 -21.01 5.45 1.25
N GLY A 50 -20.06 6.13 0.61
CA GLY A 50 -18.84 5.49 0.14
C GLY A 50 -17.67 6.45 0.14
N ILE A 51 -16.49 5.90 0.37
CA ILE A 51 -15.26 6.66 0.51
C ILE A 51 -14.20 6.07 -0.41
N PHE A 52 -13.47 6.94 -1.10
CA PHE A 52 -12.28 6.62 -1.89
C PHE A 52 -11.04 7.08 -1.14
N PRO A 53 -10.44 6.23 -0.30
CA PRO A 53 -9.27 6.69 0.48
C PRO A 53 -8.17 7.35 -0.33
N ILE A 54 -7.76 6.75 -1.45
CA ILE A 54 -6.71 7.31 -2.30
C ILE A 54 -6.98 8.77 -2.66
N PHE A 55 -8.25 9.15 -2.70
CA PHE A 55 -8.64 10.54 -2.92
C PHE A 55 -9.16 11.22 -1.66
N GLY A 56 -9.59 10.45 -0.66
CA GLY A 56 -10.29 11.03 0.47
C GLY A 56 -11.65 11.61 0.12
N SER A 57 -12.25 11.19 -0.99
CA SER A 57 -13.53 11.71 -1.45
C SER A 57 -14.68 10.82 -0.96
N THR A 58 -15.85 11.45 -0.77
CA THR A 58 -17.01 10.80 -0.18
C THR A 58 -18.26 11.15 -0.95
N ASN A 59 -19.24 10.27 -0.89
CA ASN A 59 -20.55 10.54 -1.46
C ASN A 59 -21.57 9.74 -0.67
N TYR A 60 -22.36 10.43 0.16
CA TYR A 60 -23.37 9.76 0.97
C TYR A 60 -24.73 9.80 0.27
N ALA A 61 -25.61 8.92 0.74
CA ALA A 61 -27.00 8.92 0.30
C ALA A 61 -27.77 10.05 0.99
N GLN A 62 -28.76 10.61 0.29
CA GLN A 62 -29.56 11.71 0.82
C GLN A 62 -30.16 11.37 2.17
N LYS A 63 -30.51 10.10 2.39
CA LYS A 63 -31.14 9.66 3.64
C LYS A 63 -30.33 10.02 4.88
N PHE A 64 -29.03 10.29 4.74
CA PHE A 64 -28.14 10.42 5.89
C PHE A 64 -27.22 11.64 5.82
N ASP A 65 -27.35 12.49 4.81
CA ASP A 65 -26.43 13.58 4.54
C ASP A 65 -25.88 14.42 5.70
N ASP A 66 -26.60 14.44 6.81
CA ASP A 66 -26.16 15.15 8.01
C ASP A 66 -25.78 14.35 9.22
N ARG A 67 -26.29 13.13 9.28
CA ARG A 67 -26.06 12.28 10.43
C ARG A 67 -24.90 11.34 10.20
N LEU A 68 -24.44 11.22 8.96
CA LEU A 68 -23.44 10.24 8.57
C LEU A 68 -22.17 10.93 8.09
N THR A 69 -21.02 10.36 8.50
CA THR A 69 -19.72 10.84 8.05
C THR A 69 -18.70 9.70 8.03
N ILE A 70 -17.98 9.56 6.92
CA ILE A 70 -17.09 8.43 6.66
C ILE A 70 -15.64 8.92 6.55
N THR A 71 -14.75 8.29 7.33
CA THR A 71 -13.37 8.74 7.48
C THR A 71 -12.42 7.54 7.54
N THR A 72 -11.23 7.75 6.99
CA THR A 72 -10.17 6.75 6.92
C THR A 72 -9.11 7.01 7.98
N ASP A 73 -8.27 6.00 8.21
CA ASP A 73 -7.07 6.14 9.04
C ASP A 73 -5.93 5.43 8.30
N ASP A 74 -5.26 6.17 7.41
CA ASP A 74 -4.27 5.56 6.51
C ASP A 74 -3.23 4.76 7.28
N SER A 75 -2.90 5.19 8.50
CA SER A 75 -1.90 4.51 9.31
C SER A 75 -2.16 3.00 9.41
N SER A 76 -3.42 2.59 9.41
CA SER A 76 -3.79 1.19 9.55
C SER A 76 -4.91 0.80 8.59
N ARG A 77 -5.15 1.62 7.57
CA ARG A 77 -6.12 1.32 6.51
C ARG A 77 -7.48 0.91 7.08
N THR A 78 -7.97 1.69 8.04
CA THR A 78 -9.28 1.51 8.63
C THR A 78 -10.20 2.62 8.17
N VAL A 79 -11.40 2.25 7.71
CA VAL A 79 -12.44 3.21 7.36
C VAL A 79 -13.39 3.30 8.55
N TYR A 80 -13.95 4.48 8.76
CA TYR A 80 -14.84 4.74 9.88
C TYR A 80 -16.15 5.31 9.35
N MET A 81 -17.26 4.74 9.81
CA MET A 81 -18.58 5.33 9.63
C MET A 81 -19.01 5.94 10.95
N GLU A 82 -19.70 7.07 10.91
CA GLU A 82 -20.29 7.57 12.13
C GLU A 82 -21.65 8.12 11.79
N LEU A 83 -22.67 7.50 12.37
CA LEU A 83 -24.06 7.91 12.20
C LEU A 83 -24.48 8.63 13.47
N THR A 84 -25.04 9.82 13.30
CA THR A 84 -25.22 10.72 14.42
C THR A 84 -26.70 10.96 14.70
N SER A 85 -26.97 11.35 15.95
CA SER A 85 -28.32 11.49 16.46
C SER A 85 -29.20 10.26 16.18
N LEU A 86 -28.74 9.09 16.62
CA LEU A 86 -29.40 7.84 16.26
C LEU A 86 -30.92 7.82 16.41
N ARG A 87 -31.60 7.30 15.41
CA ARG A 87 -33.03 7.07 15.46
C ARG A 87 -33.28 5.58 15.69
N LEU A 88 -34.49 5.25 16.12
CA LEU A 88 -34.84 3.83 16.30
C LEU A 88 -34.58 3.06 15.02
N GLU A 89 -34.91 3.67 13.87
CA GLU A 89 -34.87 2.98 12.59
C GLU A 89 -33.45 2.63 12.16
N ASP A 90 -32.45 3.30 12.74
CA ASP A 90 -31.07 3.02 12.35
C ASP A 90 -30.67 1.60 12.71
N THR A 91 -31.18 1.07 13.81
CA THR A 91 -30.93 -0.32 14.20
C THR A 91 -30.86 -1.20 12.98
N ALA A 92 -29.72 -1.86 12.79
CA ALA A 92 -29.50 -2.69 11.61
C ALA A 92 -28.16 -3.39 11.65
N VAL A 93 -27.89 -4.20 10.64
CA VAL A 93 -26.53 -4.64 10.36
C VAL A 93 -25.93 -3.69 9.35
N TYR A 94 -24.79 -3.13 9.71
CA TYR A 94 -24.03 -2.25 8.84
C TYR A 94 -22.82 -3.03 8.34
N TYR A 95 -22.73 -3.13 7.01
CA TYR A 95 -21.64 -3.81 6.33
C TYR A 95 -20.72 -2.77 5.70
N CYS A 96 -19.43 -3.10 5.65
CA CYS A 96 -18.55 -2.40 4.73
C CYS A 96 -18.13 -3.36 3.63
N ALA A 97 -17.78 -2.77 2.50
CA ALA A 97 -17.78 -3.52 1.27
C ALA A 97 -16.87 -2.82 0.29
N ARG A 98 -16.11 -3.59 -0.48
CA ARG A 98 -15.30 -3.02 -1.53
C ARG A 98 -16.14 -2.87 -2.81
N GLY A 99 -16.06 -1.69 -3.40
CA GLY A 99 -16.62 -1.50 -4.73
C GLY A 99 -15.85 -2.28 -5.77
N ALA A 100 -16.59 -2.75 -6.78
CA ALA A 100 -16.03 -3.72 -7.71
C ALA A 100 -14.96 -3.10 -8.61
N SER A 101 -15.23 -1.91 -9.16
CA SER A 101 -14.26 -1.23 -10.00
C SER A 101 -13.01 -0.86 -9.20
N LYS A 102 -11.86 -0.98 -9.85
CA LYS A 102 -10.65 -0.34 -9.38
C LYS A 102 -10.64 1.12 -9.84
N VAL A 103 -9.98 1.98 -9.05
CA VAL A 103 -10.03 3.42 -9.33
C VAL A 103 -9.50 3.73 -10.73
N GLU A 104 -10.10 4.73 -11.34
CA GLU A 104 -9.76 5.18 -12.69
C GLU A 104 -9.10 6.55 -12.62
N PRO A 105 -8.38 6.96 -13.70
CA PRO A 105 -7.88 8.33 -13.81
C PRO A 105 -8.92 9.42 -13.67
N ALA A 106 -9.85 9.51 -14.62
CA ALA A 106 -11.04 10.30 -14.36
C ALA A 106 -11.90 9.39 -13.49
N ALA A 107 -12.64 10.00 -12.57
CA ALA A 107 -13.30 9.22 -11.53
C ALA A 107 -14.28 10.15 -10.81
N PRO A 108 -15.01 9.66 -9.78
CA PRO A 108 -15.14 8.36 -9.12
C PRO A 108 -16.57 7.80 -9.07
N ALA A 109 -16.80 6.63 -9.64
CA ALA A 109 -18.11 5.99 -9.57
C ALA A 109 -18.32 5.47 -8.16
N TYR A 110 -19.08 6.22 -7.35
CA TYR A 110 -19.50 5.72 -6.04
C TYR A 110 -20.54 4.64 -6.17
N SER A 111 -21.48 4.84 -7.08
CA SER A 111 -22.35 3.80 -7.60
C SER A 111 -21.53 2.67 -8.23
N ASP A 112 -21.57 1.48 -7.62
CA ASP A 112 -20.70 0.40 -8.06
C ASP A 112 -21.24 -0.89 -7.47
N ALA A 113 -20.87 -2.02 -8.10
CA ALA A 113 -21.11 -3.34 -7.52
C ALA A 113 -20.10 -3.58 -6.40
N PHE A 114 -20.42 -4.57 -5.54
CA PHE A 114 -19.68 -4.76 -4.30
C PHE A 114 -19.18 -6.20 -4.17
N ASP A 115 -18.27 -6.55 -5.08
CA ASP A 115 -17.08 -7.37 -4.88
C ASP A 115 -16.93 -8.06 -3.52
N MET A 116 -16.36 -7.36 -2.54
CA MET A 116 -16.03 -7.93 -1.24
C MET A 116 -16.75 -7.20 -0.12
N TRP A 117 -17.16 -7.96 0.90
CA TRP A 117 -17.92 -7.43 2.04
C TRP A 117 -17.25 -7.85 3.33
N GLY A 118 -17.45 -7.06 4.38
CA GLY A 118 -17.06 -7.47 5.70
C GLY A 118 -18.07 -8.44 6.30
N GLN A 119 -17.91 -8.72 7.59
CA GLN A 119 -18.69 -9.76 8.24
C GLN A 119 -19.96 -9.25 8.92
N GLY A 120 -20.14 -7.95 9.04
CA GLY A 120 -21.34 -7.34 9.62
C GLY A 120 -21.19 -6.75 11.01
N THR A 121 -21.79 -5.58 11.26
CA THR A 121 -21.83 -5.01 12.61
C THR A 121 -23.27 -4.66 12.95
N LEU A 122 -23.83 -5.34 13.96
CA LEU A 122 -25.23 -5.16 14.34
C LEU A 122 -25.38 -4.04 15.37
N VAL A 123 -25.95 -2.92 14.96
CA VAL A 123 -26.15 -1.78 15.87
C VAL A 123 -27.58 -1.81 16.39
N THR A 124 -27.77 -2.23 17.64
CA THR A 124 -29.08 -2.09 18.30
C THR A 124 -29.24 -0.65 18.84
N VAL A 125 -30.26 0.05 18.36
CA VAL A 125 -30.58 1.41 18.83
C VAL A 125 -31.70 1.25 19.85
N SER A 126 -31.33 1.03 21.12
CA SER A 126 -32.26 0.62 22.16
C SER A 126 -32.00 1.36 23.46
N SER A 127 -33.09 1.70 24.15
CA SER A 127 -32.96 2.33 25.46
C SER A 127 -32.56 1.34 26.55
N ALA A 128 -32.64 0.04 26.27
CA ALA A 128 -32.22 -0.98 27.22
C ALA A 128 -30.70 -1.04 27.29
N SER A 129 -30.19 -1.55 28.42
CA SER A 129 -28.76 -1.58 28.70
C SER A 129 -28.24 -3.01 28.57
N THR A 130 -26.92 -3.11 28.40
CA THR A 130 -26.26 -4.39 28.15
C THR A 130 -26.55 -5.37 29.29
N LYS A 131 -26.51 -6.68 28.97
CA LYS A 131 -26.72 -7.69 29.99
C LYS A 131 -26.08 -8.94 29.41
N GLY A 132 -25.33 -9.65 30.23
CA GLY A 132 -24.66 -10.87 29.81
C GLY A 132 -25.60 -12.03 30.12
N PRO A 133 -25.52 -13.08 29.31
CA PRO A 133 -26.44 -14.20 29.44
C PRO A 133 -26.12 -15.05 30.66
N SER A 134 -27.01 -16.01 30.90
CA SER A 134 -26.81 -17.06 31.90
C SER A 134 -27.01 -18.37 31.15
N VAL A 135 -25.92 -19.13 30.96
CA VAL A 135 -25.95 -20.35 30.17
C VAL A 135 -26.27 -21.52 31.09
N PHE A 136 -27.08 -22.47 30.59
CA PHE A 136 -27.60 -23.59 31.38
C PHE A 136 -27.56 -24.89 30.57
N PRO A 137 -27.05 -25.97 31.16
CA PRO A 137 -27.05 -27.28 30.50
C PRO A 137 -28.41 -27.71 29.96
N LEU A 138 -28.39 -28.28 28.75
CA LEU A 138 -29.53 -28.99 28.16
C LEU A 138 -29.17 -30.46 28.16
N ALA A 139 -29.73 -31.21 29.11
CA ALA A 139 -29.07 -32.50 29.41
C ALA A 139 -29.80 -33.68 28.81
N PRO A 140 -29.06 -34.65 28.30
CA PRO A 140 -29.67 -35.83 27.65
C PRO A 140 -30.31 -36.84 28.60
N SER A 141 -31.09 -37.74 27.98
CA SER A 141 -31.61 -38.89 28.68
C SER A 141 -30.91 -40.17 28.15
N GLY A 148 -29.12 -45.08 17.68
CA GLY A 148 -28.81 -44.74 19.05
C GLY A 148 -28.17 -43.38 19.17
N THR A 149 -28.95 -42.34 18.91
CA THR A 149 -28.47 -40.96 18.86
C THR A 149 -29.17 -40.10 19.89
N ALA A 150 -28.40 -39.26 20.57
CA ALA A 150 -28.90 -38.43 21.66
C ALA A 150 -28.83 -36.95 21.28
N ALA A 151 -29.35 -36.11 22.16
CA ALA A 151 -29.41 -34.67 21.92
C ALA A 151 -29.06 -33.92 23.19
N LEU A 152 -28.29 -32.85 23.04
CA LEU A 152 -27.93 -32.01 24.17
C LEU A 152 -27.72 -30.59 23.66
N GLY A 153 -27.48 -29.67 24.58
CA GLY A 153 -27.25 -28.31 24.16
C GLY A 153 -26.94 -27.33 25.28
N CYS A 154 -27.21 -26.04 25.02
CA CYS A 154 -26.99 -24.99 26.01
C CYS A 154 -28.04 -23.91 25.81
N LEU A 155 -28.67 -23.48 26.90
CA LEU A 155 -29.68 -22.41 26.86
C LEU A 155 -29.04 -21.10 27.27
N VAL A 156 -28.69 -20.28 26.28
CA VAL A 156 -28.07 -18.98 26.52
C VAL A 156 -29.22 -18.00 26.78
N LYS A 157 -29.63 -17.92 28.04
CA LYS A 157 -30.84 -17.24 28.44
C LYS A 157 -30.55 -15.86 29.00
N ASP A 158 -31.38 -14.90 28.63
CA ASP A 158 -31.43 -13.59 29.26
C ASP A 158 -30.47 -12.44 29.06
N TYR A 159 -29.94 -12.31 27.86
CA TYR A 159 -29.04 -11.20 27.56
C TYR A 159 -29.50 -10.03 26.70
N PHE A 160 -28.56 -9.15 26.38
CA PHE A 160 -28.83 -7.94 25.59
C PHE A 160 -27.52 -7.16 25.39
N PRO A 161 -27.28 -6.65 24.17
CA PRO A 161 -28.10 -6.84 22.97
C PRO A 161 -27.77 -8.12 22.28
N GLU A 162 -28.27 -8.25 21.05
CA GLU A 162 -27.72 -9.23 20.14
C GLU A 162 -26.33 -8.72 19.72
N PRO A 163 -25.38 -9.64 19.51
CA PRO A 163 -25.65 -11.07 19.53
C PRO A 163 -24.75 -11.89 20.43
N VAL A 164 -25.10 -13.16 20.58
CA VAL A 164 -24.16 -14.14 21.10
C VAL A 164 -23.80 -15.09 19.97
N THR A 165 -22.61 -15.68 20.08
CA THR A 165 -22.13 -16.77 19.24
C THR A 165 -22.06 -18.05 20.08
N VAL A 166 -22.20 -19.20 19.43
CA VAL A 166 -22.12 -20.50 20.10
C VAL A 166 -21.30 -21.45 19.25
N SER A 167 -20.36 -22.16 19.88
CA SER A 167 -19.63 -23.25 19.22
C SER A 167 -19.63 -24.44 20.16
N TRP A 168 -18.95 -25.52 19.75
CA TRP A 168 -18.91 -26.72 20.58
C TRP A 168 -17.49 -27.27 20.57
N ASN A 169 -16.96 -27.57 21.76
CA ASN A 169 -15.59 -28.04 21.94
C ASN A 169 -14.60 -27.15 21.17
N SER A 170 -14.69 -25.85 21.44
CA SER A 170 -13.94 -24.79 20.77
C SER A 170 -13.69 -25.07 19.30
N GLY A 171 -14.70 -25.59 18.61
CA GLY A 171 -14.65 -25.83 17.18
C GLY A 171 -14.64 -27.29 16.79
N ALA A 172 -14.26 -28.19 17.71
CA ALA A 172 -14.01 -29.60 17.36
C ALA A 172 -15.30 -30.35 17.01
N LEU A 173 -16.43 -29.90 17.56
CA LEU A 173 -17.74 -30.46 17.27
C LEU A 173 -18.53 -29.46 16.44
N THR A 174 -18.91 -29.86 15.22
CA THR A 174 -19.69 -29.05 14.31
C THR A 174 -20.79 -29.81 13.59
N SER A 175 -20.68 -31.12 13.45
CA SER A 175 -21.65 -31.86 12.66
C SER A 175 -22.86 -32.16 13.53
N GLY A 176 -24.04 -31.74 13.09
CA GLY A 176 -25.24 -31.89 13.86
C GLY A 176 -25.55 -30.76 14.80
N VAL A 177 -24.79 -29.66 14.74
CA VAL A 177 -24.94 -28.53 15.66
C VAL A 177 -25.98 -27.56 15.11
N HIS A 178 -27.02 -27.29 15.91
CA HIS A 178 -28.11 -26.39 15.54
C HIS A 178 -28.15 -25.24 16.54
N THR A 179 -27.57 -24.11 16.18
CA THR A 179 -27.61 -22.92 17.01
C THR A 179 -28.79 -22.09 16.54
N PHE A 180 -29.81 -22.00 17.37
CA PHE A 180 -31.06 -21.42 16.90
C PHE A 180 -31.00 -19.91 16.89
N PRO A 181 -31.88 -19.28 16.12
CA PRO A 181 -31.99 -17.83 16.16
C PRO A 181 -32.57 -17.35 17.47
N ALA A 182 -31.98 -16.29 17.99
CA ALA A 182 -32.43 -15.68 19.22
C ALA A 182 -33.86 -15.18 19.11
N VAL A 183 -34.64 -15.41 20.17
CA VAL A 183 -35.97 -14.85 20.32
C VAL A 183 -35.89 -13.75 21.36
N LEU A 184 -36.79 -12.78 21.27
CA LEU A 184 -36.85 -11.67 22.21
C LEU A 184 -38.05 -11.87 23.10
N GLN A 185 -37.81 -11.93 24.40
CA GLN A 185 -38.85 -12.31 25.34
C GLN A 185 -39.75 -11.12 25.67
N SER A 186 -40.88 -11.45 26.31
CA SER A 186 -41.74 -10.44 26.93
C SER A 186 -40.96 -9.62 27.95
N SER A 187 -40.06 -10.26 28.70
CA SER A 187 -39.19 -9.52 29.61
C SER A 187 -38.40 -8.41 28.90
N GLY A 188 -38.19 -8.52 27.59
CA GLY A 188 -37.42 -7.55 26.84
C GLY A 188 -35.97 -7.95 26.62
N LEU A 189 -35.55 -9.09 27.15
CA LEU A 189 -34.23 -9.67 26.95
C LEU A 189 -34.30 -10.82 25.95
N TYR A 190 -33.14 -11.21 25.44
CA TYR A 190 -33.02 -12.26 24.44
C TYR A 190 -32.76 -13.62 25.06
N SER A 191 -33.18 -14.66 24.35
CA SER A 191 -32.94 -16.03 24.76
C SER A 191 -32.68 -16.87 23.52
N LEU A 192 -31.71 -17.77 23.62
CA LEU A 192 -31.18 -18.50 22.49
C LEU A 192 -31.00 -19.97 22.88
N SER A 193 -30.83 -20.82 21.89
CA SER A 193 -30.69 -22.24 22.15
C SER A 193 -29.81 -22.86 21.07
N SER A 194 -28.72 -23.50 21.49
CA SER A 194 -27.94 -24.36 20.61
C SER A 194 -28.11 -25.81 21.02
N VAL A 195 -28.20 -26.70 20.03
CA VAL A 195 -28.22 -28.13 20.29
C VAL A 195 -27.17 -28.79 19.42
N VAL A 196 -26.85 -30.03 19.77
CA VAL A 196 -26.13 -30.92 18.89
C VAL A 196 -26.63 -32.34 19.13
N THR A 197 -26.83 -33.07 18.04
CA THR A 197 -27.14 -34.48 18.12
C THR A 197 -25.85 -35.29 18.00
N VAL A 198 -25.72 -36.29 18.86
CA VAL A 198 -24.64 -37.28 18.80
C VAL A 198 -25.26 -38.64 19.12
N PRO A 199 -24.55 -39.70 18.74
CA PRO A 199 -25.06 -41.04 19.06
C PRO A 199 -24.78 -41.44 20.50
N SER A 200 -25.70 -42.24 21.06
CA SER A 200 -25.68 -42.53 22.49
C SER A 200 -24.34 -43.10 22.94
N SER A 201 -23.71 -43.89 22.07
CA SER A 201 -22.47 -44.58 22.42
C SER A 201 -21.38 -43.63 22.89
N SER A 202 -21.42 -42.37 22.44
CA SER A 202 -20.36 -41.40 22.70
C SER A 202 -20.49 -40.68 24.03
N LEU A 203 -21.62 -40.81 24.72
CA LEU A 203 -21.77 -40.21 26.04
C LEU A 203 -21.04 -40.99 27.12
N GLY A 204 -20.50 -42.17 26.81
CA GLY A 204 -19.52 -42.80 27.66
C GLY A 204 -18.13 -42.30 27.32
N THR A 205 -17.92 -41.94 26.05
CA THR A 205 -16.61 -41.57 25.52
C THR A 205 -16.31 -40.07 25.60
N GLN A 206 -17.15 -39.27 24.95
CA GLN A 206 -16.84 -37.87 24.67
C GLN A 206 -17.55 -36.96 25.65
N THR A 207 -16.86 -35.91 26.08
CA THR A 207 -17.47 -34.87 26.87
C THR A 207 -17.72 -33.65 25.99
N TYR A 208 -18.85 -32.98 26.24
CA TYR A 208 -19.37 -31.92 25.38
C TYR A 208 -19.52 -30.63 26.16
N ILE A 209 -18.89 -29.58 25.66
CA ILE A 209 -18.99 -28.23 26.20
C ILE A 209 -19.42 -27.32 25.08
N CYS A 210 -20.34 -26.42 25.38
CA CYS A 210 -20.61 -25.33 24.45
C CYS A 210 -19.77 -24.12 24.83
N ASN A 211 -19.48 -23.28 23.84
CA ASN A 211 -18.58 -22.15 24.01
C ASN A 211 -19.38 -20.90 23.68
N VAL A 212 -20.03 -20.33 24.71
CA VAL A 212 -20.91 -19.18 24.55
C VAL A 212 -20.09 -17.91 24.67
N ASN A 213 -20.45 -16.91 23.88
CA ASN A 213 -19.64 -15.70 23.83
C ASN A 213 -20.71 -14.66 23.51
N HIS A 214 -20.80 -13.65 24.36
CA HIS A 214 -21.69 -12.53 24.16
C HIS A 214 -20.74 -11.36 24.21
N LYS A 215 -20.62 -10.70 23.13
CA LYS A 215 -19.57 -9.72 23.13
C LYS A 215 -19.82 -8.43 23.91
N PRO A 216 -20.90 -7.68 23.67
CA PRO A 216 -20.97 -6.31 24.23
C PRO A 216 -20.97 -6.26 25.76
N SER A 217 -21.29 -7.36 26.43
CA SER A 217 -21.14 -7.45 27.88
C SER A 217 -19.78 -8.03 28.28
N ASN A 218 -18.95 -8.41 27.31
CA ASN A 218 -17.66 -9.05 27.58
C ASN A 218 -17.85 -10.31 28.42
N THR A 219 -18.80 -11.15 28.01
CA THR A 219 -19.07 -12.42 28.67
C THR A 219 -18.56 -13.57 27.80
N LYS A 220 -17.90 -14.54 28.43
CA LYS A 220 -17.55 -15.78 27.76
C LYS A 220 -17.76 -16.90 28.77
N VAL A 221 -18.38 -17.98 28.33
CA VAL A 221 -18.65 -19.11 29.21
C VAL A 221 -18.35 -20.39 28.46
N ASP A 222 -17.85 -21.38 29.19
CA ASP A 222 -17.67 -22.72 28.67
C ASP A 222 -18.36 -23.66 29.67
N LYS A 223 -19.44 -24.33 29.24
CA LYS A 223 -20.27 -25.14 30.12
C LYS A 223 -20.31 -26.57 29.59
N ARG A 224 -19.81 -27.51 30.39
CA ARG A 224 -19.88 -28.93 30.06
C ARG A 224 -21.32 -29.42 30.17
N VAL A 225 -21.63 -30.47 29.43
CA VAL A 225 -22.97 -31.07 29.45
C VAL A 225 -22.83 -32.54 29.78
N GLU A 226 -23.65 -33.01 30.74
CA GLU A 226 -23.74 -34.40 31.22
C GLU A 226 -23.64 -35.47 30.13
N ASP B 1 -34.79 8.54 -7.75
CA ASP B 1 -34.39 7.19 -7.37
C ASP B 1 -35.10 6.06 -8.11
N ILE B 2 -34.41 4.93 -8.24
CA ILE B 2 -34.96 3.76 -8.91
C ILE B 2 -35.29 2.71 -7.88
N VAL B 3 -36.40 1.99 -8.10
CA VAL B 3 -36.94 1.07 -7.12
C VAL B 3 -36.90 -0.35 -7.67
N MET B 4 -36.01 -1.16 -7.10
CA MET B 4 -35.85 -2.54 -7.51
C MET B 4 -37.00 -3.34 -6.93
N THR B 5 -37.73 -4.03 -7.81
CA THR B 5 -38.83 -4.89 -7.40
C THR B 5 -38.49 -6.31 -7.84
N GLN B 6 -38.37 -7.21 -6.87
CA GLN B 6 -38.08 -8.61 -7.17
C GLN B 6 -39.33 -9.46 -7.00
N SER B 7 -39.42 -10.49 -7.82
CA SER B 7 -40.58 -11.34 -7.85
C SER B 7 -40.19 -12.69 -8.44
N PRO B 8 -40.81 -13.78 -7.92
CA PRO B 8 -41.76 -13.75 -6.81
C PRO B 8 -41.08 -13.59 -5.44
N GLY B 9 -41.84 -13.62 -4.35
CA GLY B 9 -41.23 -13.45 -3.04
C GLY B 9 -40.37 -14.63 -2.66
N THR B 10 -40.90 -15.84 -2.84
CA THR B 10 -40.16 -17.08 -2.62
C THR B 10 -40.34 -17.96 -3.85
N LEU B 11 -39.32 -18.77 -4.11
CA LEU B 11 -39.30 -19.74 -5.20
C LEU B 11 -39.02 -21.09 -4.56
N SER B 12 -39.91 -22.05 -4.76
CA SER B 12 -39.73 -23.37 -4.17
C SER B 12 -39.60 -24.39 -5.29
N LEU B 13 -38.37 -24.83 -5.52
CA LEU B 13 -38.05 -25.73 -6.61
C LEU B 13 -37.08 -26.78 -6.09
N SER B 14 -37.03 -27.90 -6.80
CA SER B 14 -36.19 -29.02 -6.40
C SER B 14 -34.79 -28.83 -6.97
N PRO B 15 -33.78 -29.51 -6.42
CA PRO B 15 -32.45 -29.47 -7.05
C PRO B 15 -32.56 -29.98 -8.47
N GLY B 16 -31.66 -29.53 -9.33
CA GLY B 16 -31.71 -29.91 -10.72
C GLY B 16 -32.77 -29.23 -11.54
N GLU B 17 -33.77 -28.62 -10.90
CA GLU B 17 -34.70 -27.75 -11.57
C GLU B 17 -34.08 -26.37 -11.75
N ARG B 18 -34.60 -25.63 -12.73
CA ARG B 18 -34.09 -24.32 -13.04
C ARG B 18 -34.83 -23.26 -12.23
N ALA B 19 -34.08 -22.34 -11.66
CA ALA B 19 -34.67 -21.16 -11.06
C ALA B 19 -34.47 -20.00 -12.00
N THR B 20 -35.47 -19.12 -12.08
CA THR B 20 -35.37 -17.83 -12.73
C THR B 20 -35.93 -16.76 -11.81
N LEU B 21 -35.16 -15.69 -11.58
CA LEU B 21 -35.58 -14.62 -10.69
C LEU B 21 -35.73 -13.31 -11.46
N SER B 22 -36.83 -12.60 -11.19
CA SER B 22 -37.13 -11.33 -11.84
C SER B 22 -36.76 -10.17 -10.93
N CYS B 23 -36.16 -9.14 -11.53
CA CYS B 23 -35.89 -7.88 -10.85
C CYS B 23 -36.24 -6.76 -11.81
N ARG B 24 -37.29 -6.00 -11.49
CA ARG B 24 -37.80 -4.92 -12.30
C ARG B 24 -37.43 -3.58 -11.69
N THR B 25 -37.03 -2.64 -12.55
CA THR B 25 -36.64 -1.30 -12.11
C THR B 25 -37.78 -0.34 -12.36
N SER B 26 -37.81 0.73 -11.57
CA SER B 26 -38.87 1.73 -11.75
C SER B 26 -38.67 2.57 -13.00
N GLN B 27 -37.47 2.59 -13.56
CA GLN B 27 -37.19 3.27 -14.81
C GLN B 27 -35.98 2.60 -15.46
N GLY B 28 -35.79 2.89 -16.75
CA GLY B 28 -34.77 2.24 -17.55
C GLY B 28 -33.34 2.37 -17.07
N VAL B 29 -32.64 1.22 -16.97
CA VAL B 29 -31.25 1.15 -16.54
C VAL B 29 -30.50 0.30 -17.55
N SER B 30 -29.32 0.76 -17.95
CA SER B 30 -28.49 -0.03 -18.84
C SER B 30 -28.08 -1.35 -18.19
N SER B 31 -27.77 -2.34 -19.01
CA SER B 31 -27.31 -3.62 -18.49
C SER B 31 -26.01 -3.48 -17.70
N SER B 32 -25.20 -2.47 -18.01
CA SER B 32 -23.87 -2.39 -17.40
C SER B 32 -23.95 -2.13 -15.91
N TYR B 33 -25.04 -1.52 -15.45
CA TYR B 33 -25.18 -1.11 -14.07
C TYR B 33 -25.95 -2.00 -13.11
N LEU B 34 -25.99 -3.29 -13.40
CA LEU B 34 -26.70 -4.21 -12.54
C LEU B 34 -25.87 -5.27 -11.86
N ALA B 35 -26.11 -5.48 -10.57
CA ALA B 35 -25.43 -6.52 -9.81
C ALA B 35 -26.45 -7.45 -9.18
N TRP B 36 -26.08 -8.72 -9.06
CA TRP B 36 -26.83 -9.69 -8.28
C TRP B 36 -25.98 -10.20 -7.14
N TYR B 37 -26.62 -10.38 -5.99
CA TYR B 37 -25.99 -10.85 -4.77
C TYR B 37 -26.73 -12.08 -4.25
N GLN B 38 -26.01 -12.86 -3.45
CA GLN B 38 -26.58 -14.02 -2.79
C GLN B 38 -26.28 -13.86 -1.31
N GLN B 39 -27.30 -14.05 -0.48
CA GLN B 39 -27.09 -14.05 0.95
C GLN B 39 -27.58 -15.39 1.49
N LYS B 40 -26.67 -16.15 2.10
CA LYS B 40 -27.06 -17.34 2.85
C LYS B 40 -27.14 -17.01 4.35
N PRO B 41 -27.96 -17.75 5.10
CA PRO B 41 -28.32 -17.33 6.46
C PRO B 41 -27.12 -16.93 7.32
N GLY B 42 -27.21 -15.76 7.91
CA GLY B 42 -26.18 -15.32 8.85
C GLY B 42 -24.84 -15.00 8.23
N GLN B 43 -24.85 -14.38 7.05
CA GLN B 43 -23.64 -13.99 6.36
C GLN B 43 -23.86 -12.68 5.64
N ALA B 44 -22.77 -12.12 5.13
CA ALA B 44 -22.86 -11.01 4.23
C ALA B 44 -23.32 -11.51 2.86
N PRO B 45 -23.65 -10.60 1.95
CA PRO B 45 -23.91 -11.01 0.57
C PRO B 45 -22.65 -11.15 -0.27
N ARG B 46 -22.71 -12.13 -1.16
CA ARG B 46 -21.66 -12.38 -2.14
C ARG B 46 -22.12 -11.82 -3.47
N LEU B 47 -21.22 -11.14 -4.18
CA LEU B 47 -21.53 -10.70 -5.54
C LEU B 47 -21.55 -11.92 -6.46
N LEU B 48 -22.69 -12.17 -7.10
CA LEU B 48 -22.76 -13.26 -8.07
C LEU B 48 -22.54 -12.80 -9.49
N ILE B 49 -23.05 -11.62 -9.81
CA ILE B 49 -23.14 -11.11 -11.17
C ILE B 49 -23.08 -9.60 -11.10
N SER B 50 -22.25 -8.99 -11.93
CA SER B 50 -22.20 -7.54 -12.07
C SER B 50 -22.37 -7.19 -13.53
N GLY B 51 -22.87 -5.98 -13.78
CA GLY B 51 -23.12 -5.60 -15.16
C GLY B 51 -24.07 -6.60 -15.78
N SER B 52 -25.23 -6.75 -15.15
CA SER B 52 -26.28 -7.62 -15.67
C SER B 52 -25.76 -9.06 -15.70
N SER B 53 -24.85 -9.35 -16.63
CA SER B 53 -24.40 -10.73 -16.79
C SER B 53 -22.93 -11.15 -16.74
N SER B 54 -22.07 -10.50 -15.96
CA SER B 54 -20.68 -10.93 -15.79
C SER B 54 -20.53 -11.61 -14.44
N ARG B 55 -20.14 -12.87 -14.46
CA ARG B 55 -19.95 -13.60 -13.21
C ARG B 55 -18.74 -13.07 -12.47
N ALA B 56 -18.92 -12.76 -11.20
CA ALA B 56 -17.79 -12.52 -10.33
C ALA B 56 -16.93 -13.78 -10.27
N THR B 57 -15.70 -13.60 -9.80
CA THR B 57 -14.74 -14.69 -9.76
C THR B 57 -15.22 -15.79 -8.80
N GLY B 58 -14.95 -17.03 -9.16
CA GLY B 58 -15.31 -18.13 -8.29
C GLY B 58 -16.77 -18.51 -8.28
N ILE B 59 -17.59 -17.91 -9.14
CA ILE B 59 -19.03 -18.12 -9.15
C ILE B 59 -19.37 -19.19 -10.20
N PRO B 60 -20.17 -20.21 -9.85
CA PRO B 60 -20.41 -21.32 -10.77
C PRO B 60 -21.17 -20.93 -12.04
N ASP B 61 -20.93 -21.71 -13.08
CA ASP B 61 -21.58 -21.51 -14.38
C ASP B 61 -23.11 -21.57 -14.31
N ARG B 62 -23.67 -22.19 -13.26
CA ARG B 62 -25.12 -22.38 -13.22
C ARG B 62 -25.88 -21.10 -12.92
N PHE B 63 -25.18 -20.07 -12.48
CA PHE B 63 -25.74 -18.74 -12.40
C PHE B 63 -25.44 -17.97 -13.68
N SER B 64 -26.47 -17.37 -14.26
CA SER B 64 -26.29 -16.49 -15.41
C SER B 64 -27.22 -15.30 -15.26
N GLY B 65 -26.85 -14.19 -15.88
CA GLY B 65 -27.71 -13.03 -15.79
C GLY B 65 -28.15 -12.61 -17.16
N SER B 66 -29.26 -11.90 -17.28
CA SER B 66 -29.76 -11.46 -18.58
C SER B 66 -30.73 -10.31 -18.36
N GLY B 67 -31.37 -9.90 -19.44
CA GLY B 67 -32.28 -8.77 -19.40
C GLY B 67 -31.60 -7.46 -19.75
N SER B 68 -32.45 -6.43 -19.85
CA SER B 68 -32.04 -5.10 -20.25
C SER B 68 -33.26 -4.18 -20.16
N GLY B 69 -33.02 -2.90 -19.88
CA GLY B 69 -34.08 -1.91 -19.88
C GLY B 69 -34.71 -1.70 -18.52
N ARG B 70 -35.83 -2.37 -18.26
CA ARG B 70 -36.45 -2.37 -16.94
C ARG B 70 -36.73 -3.78 -16.42
N ASP B 71 -36.26 -4.83 -17.12
CA ASP B 71 -36.47 -6.21 -16.69
C ASP B 71 -35.16 -6.97 -16.75
N PHE B 72 -34.71 -7.43 -15.58
CA PHE B 72 -33.48 -8.19 -15.45
C PHE B 72 -33.75 -9.47 -14.69
N THR B 73 -32.96 -10.48 -15.02
CA THR B 73 -33.18 -11.85 -14.57
C THR B 73 -31.88 -12.51 -14.21
N LEU B 74 -31.93 -13.27 -13.13
CA LEU B 74 -30.92 -14.25 -12.77
C LEU B 74 -31.54 -15.64 -12.92
N THR B 75 -30.87 -16.52 -13.66
CA THR B 75 -31.30 -17.91 -13.78
C THR B 75 -30.26 -18.80 -13.11
N ILE B 76 -30.69 -19.58 -12.12
CA ILE B 76 -29.90 -20.67 -11.56
C ILE B 76 -30.31 -21.87 -12.40
N SER B 77 -29.51 -22.14 -13.44
CA SER B 77 -29.95 -23.04 -14.49
C SER B 77 -30.36 -24.40 -13.92
N ARG B 78 -29.63 -24.90 -12.92
CA ARG B 78 -30.05 -26.11 -12.21
C ARG B 78 -29.58 -26.04 -10.76
N LEU B 79 -30.55 -25.93 -9.86
CA LEU B 79 -30.31 -25.64 -8.45
C LEU B 79 -29.49 -26.74 -7.82
N GLU B 80 -28.57 -26.34 -6.98
CA GLU B 80 -27.96 -27.22 -6.01
C GLU B 80 -28.75 -27.13 -4.72
N PRO B 81 -28.66 -28.14 -3.86
CA PRO B 81 -29.06 -27.92 -2.47
C PRO B 81 -28.47 -26.64 -1.91
N GLU B 82 -27.14 -26.49 -1.98
CA GLU B 82 -26.46 -25.38 -1.33
C GLU B 82 -26.90 -24.01 -1.83
N ASP B 83 -27.73 -23.94 -2.87
CA ASP B 83 -28.25 -22.66 -3.36
C ASP B 83 -29.50 -22.18 -2.59
N SER B 84 -29.85 -22.84 -1.48
CA SER B 84 -30.90 -22.36 -0.60
C SER B 84 -30.45 -21.06 0.07
N ALA B 85 -31.14 -19.96 -0.22
CA ALA B 85 -30.61 -18.63 0.09
C ALA B 85 -31.60 -17.55 -0.29
N VAL B 86 -31.28 -16.29 0.03
CA VAL B 86 -31.95 -15.11 -0.53
C VAL B 86 -30.96 -14.37 -1.42
N TYR B 87 -31.52 -13.63 -2.39
CA TYR B 87 -30.84 -13.12 -3.58
C TYR B 87 -31.34 -11.72 -3.89
N TYR B 88 -30.41 -10.78 -4.12
CA TYR B 88 -30.74 -9.36 -4.25
C TYR B 88 -30.20 -8.80 -5.54
N CYS B 89 -31.00 -7.96 -6.18
CA CYS B 89 -30.55 -7.21 -7.34
C CYS B 89 -30.24 -5.77 -6.93
N GLN B 90 -29.31 -5.17 -7.66
CA GLN B 90 -28.89 -3.81 -7.36
C GLN B 90 -28.66 -3.06 -8.66
N GLN B 91 -29.33 -1.93 -8.78
CA GLN B 91 -28.95 -0.90 -9.72
C GLN B 91 -27.77 -0.10 -9.17
N TYR B 92 -26.75 0.14 -10.01
CA TYR B 92 -25.70 1.10 -9.64
C TYR B 92 -25.47 2.09 -10.77
N ALA B 93 -26.54 2.41 -11.51
CA ALA B 93 -26.48 3.43 -12.55
C ALA B 93 -26.46 4.82 -11.93
N THR B 94 -27.26 5.04 -10.89
CA THR B 94 -27.35 6.28 -10.13
C THR B 94 -26.97 6.72 -8.72
N SER B 95 -27.85 6.48 -7.78
CA SER B 95 -27.69 6.14 -6.38
C SER B 95 -28.05 4.68 -6.19
N PRO B 96 -27.14 3.85 -5.68
CA PRO B 96 -27.39 2.41 -5.59
C PRO B 96 -28.70 2.05 -4.93
N THR B 97 -29.51 1.22 -5.59
CA THR B 97 -30.71 0.68 -4.95
C THR B 97 -30.76 -0.84 -5.12
N PHE B 98 -31.28 -1.51 -4.10
CA PHE B 98 -31.40 -2.96 -4.05
C PHE B 98 -32.87 -3.34 -3.97
N GLY B 99 -33.20 -4.50 -4.50
CA GLY B 99 -34.50 -5.08 -4.26
C GLY B 99 -34.55 -5.66 -2.86
N GLN B 100 -35.73 -6.20 -2.52
CA GLN B 100 -35.99 -6.73 -1.20
C GLN B 100 -35.75 -8.24 -1.13
N GLY B 101 -35.13 -8.81 -2.15
CA GLY B 101 -34.67 -10.19 -2.14
C GLY B 101 -35.74 -11.16 -2.59
N THR B 102 -35.27 -12.26 -3.18
CA THR B 102 -36.07 -13.47 -3.39
C THR B 102 -35.43 -14.58 -2.57
N ARG B 103 -36.25 -15.34 -1.85
CA ARG B 103 -35.78 -16.55 -1.18
C ARG B 103 -36.05 -17.72 -2.10
N VAL B 104 -35.03 -18.55 -2.34
CA VAL B 104 -35.22 -19.84 -2.98
C VAL B 104 -35.26 -20.88 -1.86
N GLU B 105 -36.30 -21.71 -1.87
CA GLU B 105 -36.47 -22.81 -0.92
C GLU B 105 -36.33 -24.14 -1.66
N ILE B 106 -35.38 -24.96 -1.23
CA ILE B 106 -35.07 -26.21 -1.94
C ILE B 106 -36.07 -27.28 -1.52
N LYS B 107 -36.83 -27.80 -2.48
CA LYS B 107 -37.80 -28.82 -2.18
C LYS B 107 -37.13 -30.15 -1.88
N ARG B 108 -37.90 -31.02 -1.23
CA ARG B 108 -37.41 -32.25 -0.61
C ARG B 108 -38.62 -33.14 -0.32
N THR B 109 -38.40 -34.47 -0.28
CA THR B 109 -39.47 -35.34 0.18
C THR B 109 -39.66 -35.19 1.69
N VAL B 110 -40.81 -35.66 2.17
CA VAL B 110 -41.20 -35.45 3.56
C VAL B 110 -40.24 -36.16 4.51
N ALA B 111 -39.90 -35.47 5.61
CA ALA B 111 -39.05 -35.97 6.68
C ALA B 111 -39.70 -35.66 8.01
N ALA B 112 -40.24 -36.67 8.68
CA ALA B 112 -40.76 -36.44 10.02
C ALA B 112 -39.61 -35.99 10.93
N PRO B 113 -39.88 -35.13 11.91
CA PRO B 113 -38.81 -34.74 12.84
C PRO B 113 -38.47 -35.88 13.77
N SER B 114 -37.37 -35.72 14.48
CA SER B 114 -37.09 -36.50 15.66
C SER B 114 -37.18 -35.52 16.82
N VAL B 115 -37.94 -35.88 17.85
CA VAL B 115 -38.36 -34.95 18.89
C VAL B 115 -37.65 -35.27 20.20
N PHE B 116 -37.26 -34.21 20.92
CA PHE B 116 -36.46 -34.25 22.15
C PHE B 116 -36.92 -33.17 23.12
N ILE B 117 -37.29 -33.56 24.35
CA ILE B 117 -37.77 -32.62 25.36
C ILE B 117 -36.77 -32.55 26.51
N PHE B 118 -36.35 -31.32 26.85
CA PHE B 118 -35.35 -31.07 27.88
C PHE B 118 -36.01 -30.43 29.10
N PRO B 119 -35.90 -31.01 30.29
CA PRO B 119 -36.42 -30.34 31.48
C PRO B 119 -35.50 -29.20 31.91
N PRO B 120 -35.87 -28.46 32.95
CA PRO B 120 -35.03 -27.32 33.37
C PRO B 120 -33.82 -27.72 34.20
N SER B 121 -32.69 -27.09 33.89
CA SER B 121 -31.44 -27.38 34.60
C SER B 121 -31.55 -26.94 36.05
N ASP B 122 -30.91 -27.72 36.93
CA ASP B 122 -30.98 -27.40 38.35
C ASP B 122 -30.41 -26.01 38.62
N GLU B 123 -29.34 -25.65 37.92
CA GLU B 123 -28.71 -24.35 38.14
C GLU B 123 -29.65 -23.20 37.81
N GLN B 124 -30.60 -23.43 36.90
CA GLN B 124 -31.61 -22.41 36.62
C GLN B 124 -32.72 -22.42 37.67
N LEU B 125 -33.07 -23.60 38.20
CA LEU B 125 -34.10 -23.70 39.21
C LEU B 125 -33.68 -23.03 40.51
N LYS B 126 -32.45 -23.28 40.95
CA LYS B 126 -31.80 -22.52 42.00
C LYS B 126 -31.80 -21.00 41.73
N SER B 127 -32.22 -20.57 40.53
CA SER B 127 -32.33 -19.15 40.18
C SER B 127 -33.76 -18.63 40.07
N GLY B 128 -34.78 -19.49 40.23
CA GLY B 128 -36.15 -19.03 40.30
C GLY B 128 -36.97 -19.06 39.00
N THR B 129 -36.35 -19.38 37.86
CA THR B 129 -37.03 -19.52 36.58
C THR B 129 -37.02 -20.98 36.16
N ALA B 130 -38.00 -21.39 35.34
CA ALA B 130 -38.09 -22.75 34.83
C ALA B 130 -38.34 -22.74 33.33
N SER B 131 -37.31 -23.11 32.53
CA SER B 131 -37.41 -23.14 31.07
C SER B 131 -37.32 -24.59 30.57
N VAL B 132 -38.42 -25.11 30.04
CA VAL B 132 -38.48 -26.43 29.42
C VAL B 132 -38.35 -26.25 27.91
N VAL B 133 -37.54 -27.10 27.28
CA VAL B 133 -37.26 -26.99 25.86
C VAL B 133 -37.67 -28.28 25.16
N CYS B 134 -38.13 -28.12 23.93
CA CYS B 134 -38.59 -29.23 23.11
C CYS B 134 -38.06 -29.03 21.70
N LEU B 135 -37.36 -30.03 21.17
CA LEU B 135 -36.65 -29.91 19.91
C LEU B 135 -37.36 -30.71 18.82
N LEU B 136 -37.53 -30.12 17.65
CA LEU B 136 -37.93 -30.83 16.45
C LEU B 136 -36.76 -30.81 15.48
N ASN B 137 -36.25 -31.99 15.16
CA ASN B 137 -34.96 -32.12 14.52
C ASN B 137 -35.12 -32.64 13.11
N ASN B 138 -34.65 -31.87 12.13
CA ASN B 138 -34.50 -32.29 10.73
C ASN B 138 -35.77 -32.78 10.03
N PHE B 139 -36.77 -31.91 10.02
CA PHE B 139 -38.02 -32.19 9.32
C PHE B 139 -38.22 -31.35 8.07
N TYR B 140 -39.02 -31.88 7.15
CA TYR B 140 -39.49 -31.11 6.02
C TYR B 140 -40.89 -31.59 5.65
N PRO B 141 -41.84 -30.66 5.47
CA PRO B 141 -41.66 -29.21 5.29
C PRO B 141 -41.60 -28.39 6.55
N ARG B 142 -41.64 -27.07 6.36
CA ARG B 142 -41.48 -26.12 7.46
C ARG B 142 -42.71 -26.07 8.35
N GLU B 143 -43.83 -26.59 7.89
N GLU B 143 -43.83 -26.59 7.89
CA GLU B 143 -45.09 -26.51 8.64
CA GLU B 143 -45.09 -26.51 8.64
C GLU B 143 -45.10 -27.58 9.74
N ALA B 144 -45.00 -27.15 10.98
CA ALA B 144 -45.05 -28.03 12.15
C ALA B 144 -45.71 -27.27 13.30
N LYS B 145 -46.19 -28.03 14.28
CA LYS B 145 -47.03 -27.49 15.34
C LYS B 145 -46.59 -28.06 16.67
N VAL B 146 -46.25 -27.21 17.63
CA VAL B 146 -45.80 -27.69 18.94
C VAL B 146 -46.77 -27.20 20.00
N GLN B 147 -47.39 -28.14 20.70
CA GLN B 147 -48.40 -27.88 21.71
C GLN B 147 -47.91 -28.40 23.06
N TRP B 148 -47.49 -27.49 23.94
CA TRP B 148 -47.14 -27.88 25.30
C TRP B 148 -48.40 -28.22 26.09
N LYS B 149 -48.30 -29.23 26.96
CA LYS B 149 -49.33 -29.58 27.94
C LYS B 149 -48.65 -29.89 29.26
N VAL B 150 -49.24 -29.44 30.35
CA VAL B 150 -48.71 -29.73 31.69
C VAL B 150 -49.80 -30.39 32.51
N ASP B 151 -49.56 -31.64 32.93
CA ASP B 151 -50.57 -32.52 33.51
C ASP B 151 -51.86 -32.42 32.70
N ASN B 152 -51.70 -32.74 31.41
CA ASN B 152 -52.73 -32.74 30.38
C ASN B 152 -53.43 -31.39 30.24
N ALA B 153 -52.99 -30.39 30.99
CA ALA B 153 -53.52 -29.04 30.86
C ALA B 153 -52.77 -28.35 29.73
N LEU B 154 -53.49 -27.97 28.68
CA LEU B 154 -52.84 -27.43 27.49
C LEU B 154 -52.33 -26.01 27.74
N GLN B 155 -51.09 -25.75 27.36
CA GLN B 155 -50.54 -24.44 27.60
C GLN B 155 -50.90 -23.49 26.48
N SER B 156 -50.82 -22.20 26.80
CA SER B 156 -50.95 -21.14 25.81
C SER B 156 -50.27 -19.89 26.33
N GLY B 157 -49.72 -19.10 25.42
CA GLY B 157 -49.19 -17.78 25.73
C GLY B 157 -47.89 -17.77 26.51
N ASN B 158 -47.34 -18.92 26.84
CA ASN B 158 -46.11 -19.01 27.63
C ASN B 158 -44.93 -19.58 26.86
N SER B 159 -45.10 -19.91 25.57
CA SER B 159 -44.09 -20.65 24.81
C SER B 159 -43.62 -19.84 23.60
N GLN B 160 -42.31 -19.82 23.36
CA GLN B 160 -41.72 -19.20 22.17
C GLN B 160 -40.89 -20.21 21.37
N GLU B 161 -40.92 -20.10 20.04
CA GLU B 161 -40.16 -21.01 19.16
C GLU B 161 -39.29 -20.23 18.18
N SER B 162 -38.23 -20.87 17.70
CA SER B 162 -37.38 -20.28 16.66
C SER B 162 -36.87 -21.40 15.78
N VAL B 163 -36.62 -21.08 14.52
CA VAL B 163 -36.37 -22.11 13.52
C VAL B 163 -35.10 -21.81 12.76
N THR B 164 -34.18 -22.79 12.78
CA THR B 164 -32.96 -22.73 12.01
C THR B 164 -33.27 -22.71 10.53
N GLU B 165 -32.41 -22.04 9.78
CA GLU B 165 -32.64 -21.91 8.35
C GLU B 165 -32.46 -23.26 7.65
N GLN B 166 -32.98 -23.30 6.42
CA GLN B 166 -32.90 -24.51 5.64
C GLN B 166 -31.45 -24.92 5.49
N ASP B 167 -31.14 -26.12 5.98
CA ASP B 167 -29.79 -26.63 5.86
C ASP B 167 -29.33 -26.67 4.40
N SER B 168 -28.08 -26.32 4.17
CA SER B 168 -27.54 -26.38 2.82
C SER B 168 -27.12 -27.79 2.43
N LYS B 169 -27.08 -28.74 3.38
CA LYS B 169 -26.78 -30.13 3.04
C LYS B 169 -28.00 -31.04 2.87
N ASP B 170 -28.87 -31.12 3.89
CA ASP B 170 -30.00 -32.04 3.85
C ASP B 170 -31.32 -31.25 3.81
N SER B 171 -31.28 -29.92 3.64
CA SER B 171 -32.44 -29.13 3.25
C SER B 171 -33.59 -29.14 4.26
N THR B 172 -33.36 -29.57 5.49
CA THR B 172 -34.44 -29.63 6.47
C THR B 172 -34.44 -28.40 7.38
N TYR B 173 -35.44 -28.33 8.25
CA TYR B 173 -35.57 -27.33 9.29
C TYR B 173 -35.43 -27.99 10.65
N SER B 174 -35.10 -27.17 11.65
CA SER B 174 -35.12 -27.61 13.04
C SER B 174 -35.63 -26.47 13.90
N LEU B 175 -36.42 -26.81 14.91
CA LEU B 175 -37.20 -25.86 15.68
C LEU B 175 -36.92 -26.10 17.17
N SER B 176 -37.30 -25.12 18.00
CA SER B 176 -36.96 -25.11 19.43
C SER B 176 -38.03 -24.35 20.23
N SER B 177 -39.10 -25.09 20.59
CA SER B 177 -40.18 -24.55 21.40
C SER B 177 -39.85 -24.63 22.88
N THR B 178 -40.14 -23.53 23.59
CA THR B 178 -39.67 -23.33 24.95
C THR B 178 -40.86 -22.89 25.80
N LEU B 179 -41.39 -23.81 26.59
CA LEU B 179 -42.35 -23.48 27.63
C LEU B 179 -41.62 -22.87 28.82
N THR B 180 -42.08 -21.70 29.27
CA THR B 180 -41.46 -21.00 30.39
C THR B 180 -42.45 -20.82 31.52
N LEU B 181 -41.99 -21.13 32.74
CA LEU B 181 -42.79 -21.12 33.97
C LEU B 181 -41.94 -20.59 35.12
N SER B 182 -42.62 -20.22 36.20
CA SER B 182 -41.91 -19.86 37.42
C SER B 182 -41.47 -21.10 38.16
N LYS B 183 -40.39 -20.98 38.93
CA LYS B 183 -39.96 -22.11 39.75
C LYS B 183 -41.12 -22.62 40.61
N ALA B 184 -41.96 -21.70 41.08
CA ALA B 184 -43.18 -22.04 41.80
C ALA B 184 -44.15 -23.00 41.11
N ASP B 185 -44.63 -22.59 39.94
CA ASP B 185 -45.51 -23.41 39.12
C ASP B 185 -44.82 -24.71 38.73
N TYR B 186 -43.52 -24.65 38.41
CA TYR B 186 -42.87 -25.84 37.88
C TYR B 186 -42.94 -27.01 38.86
N GLU B 187 -43.03 -26.73 40.17
CA GLU B 187 -43.11 -27.79 41.17
C GLU B 187 -44.54 -28.22 41.49
N LYS B 188 -45.53 -27.34 41.25
CA LYS B 188 -46.94 -27.70 41.44
C LYS B 188 -47.46 -28.72 40.41
N HIS B 189 -46.65 -29.17 39.44
CA HIS B 189 -47.17 -29.98 38.35
C HIS B 189 -46.19 -31.11 38.06
N LYS B 190 -46.68 -32.18 37.42
CA LYS B 190 -45.81 -33.35 37.24
C LYS B 190 -45.55 -34.01 35.89
N VAL B 191 -46.37 -33.77 34.86
CA VAL B 191 -46.31 -34.55 33.62
C VAL B 191 -46.12 -33.41 32.60
N TYR B 192 -44.87 -33.19 32.19
CA TYR B 192 -44.49 -32.14 31.23
C TYR B 192 -44.28 -32.75 29.85
N ALA B 193 -45.25 -32.58 28.96
CA ALA B 193 -45.19 -33.19 27.64
C ALA B 193 -45.06 -32.12 26.55
N CYS B 194 -44.78 -32.60 25.34
CA CYS B 194 -44.59 -31.73 24.19
C CYS B 194 -45.04 -32.50 22.96
N GLU B 195 -46.18 -32.10 22.37
CA GLU B 195 -46.84 -32.94 21.37
C GLU B 195 -46.71 -32.33 19.97
N VAL B 196 -46.10 -33.10 19.06
CA VAL B 196 -45.66 -32.66 17.73
C VAL B 196 -46.59 -33.15 16.63
N THR B 197 -46.94 -32.26 15.71
CA THR B 197 -47.87 -32.54 14.62
C THR B 197 -47.29 -32.00 13.31
N HIS B 198 -46.84 -32.91 12.45
CA HIS B 198 -46.13 -32.55 11.22
C HIS B 198 -46.57 -33.51 10.14
N GLN B 199 -46.38 -33.09 8.88
CA GLN B 199 -46.86 -33.89 7.74
C GLN B 199 -46.28 -35.29 7.75
N GLY B 200 -45.04 -35.44 8.19
CA GLY B 200 -44.38 -36.73 8.23
C GLY B 200 -44.87 -37.66 9.30
N LEU B 201 -45.81 -37.26 10.15
CA LEU B 201 -46.26 -38.08 11.26
C LEU B 201 -47.67 -38.58 11.00
N SER B 202 -47.83 -39.91 11.04
CA SER B 202 -49.13 -40.54 10.90
C SER B 202 -50.14 -39.94 11.85
N SER B 203 -49.73 -39.71 13.09
CA SER B 203 -50.52 -38.98 14.07
C SER B 203 -49.57 -38.32 15.06
N PRO B 204 -50.03 -37.35 15.86
CA PRO B 204 -49.09 -36.55 16.66
C PRO B 204 -48.25 -37.37 17.60
N VAL B 205 -46.98 -37.03 17.65
CA VAL B 205 -45.98 -37.64 18.52
C VAL B 205 -45.92 -36.87 19.84
N THR B 206 -45.73 -37.58 20.96
CA THR B 206 -45.54 -36.95 22.26
C THR B 206 -44.29 -37.47 22.95
N LYS B 207 -43.35 -36.57 23.21
CA LYS B 207 -42.35 -36.81 24.24
C LYS B 207 -42.83 -36.14 25.52
N SER B 208 -42.26 -36.56 26.66
CA SER B 208 -42.66 -36.01 27.96
C SER B 208 -41.63 -36.40 29.02
N PHE B 209 -41.91 -36.01 30.26
CA PHE B 209 -41.10 -36.36 31.43
C PHE B 209 -41.91 -36.03 32.69
N ASN B 210 -41.26 -36.20 33.87
CA ASN B 210 -41.98 -36.20 35.13
C ASN B 210 -41.53 -35.38 36.33
N ARG B 211 -40.29 -34.88 36.27
CA ARG B 211 -39.59 -34.35 37.43
C ARG B 211 -38.81 -35.38 38.26
N GLY B 212 -38.59 -36.56 37.68
CA GLY B 212 -37.90 -37.67 38.34
C GLY B 212 -36.47 -37.82 37.87
N GLU B 213 -36.19 -38.84 37.05
CA GLU B 213 -34.90 -38.98 36.35
C GLU B 213 -34.96 -40.16 35.39
N VAL C 2 10.94 7.14 2.69
CA VAL C 2 10.59 6.54 1.41
C VAL C 2 11.87 6.00 0.75
N GLN C 3 12.70 6.89 0.19
CA GLN C 3 13.94 6.56 -0.52
C GLN C 3 14.00 5.78 -1.83
N LEU C 4 13.62 6.42 -2.93
CA LEU C 4 13.74 5.81 -4.25
C LEU C 4 15.12 5.25 -4.60
N VAL C 5 15.20 3.94 -4.80
CA VAL C 5 16.46 3.26 -5.10
C VAL C 5 16.43 2.76 -6.53
N GLN C 6 17.47 3.10 -7.29
CA GLN C 6 17.66 2.61 -8.65
C GLN C 6 18.70 1.50 -8.69
N SER C 7 18.62 0.67 -9.73
CA SER C 7 19.64 -0.34 -9.97
C SER C 7 20.95 0.38 -10.31
N GLY C 8 22.04 -0.37 -10.48
CA GLY C 8 23.30 0.23 -10.79
C GLY C 8 23.77 0.53 -12.20
N ALA C 9 24.95 1.18 -12.28
CA ALA C 9 25.53 1.61 -13.54
C ALA C 9 26.03 0.42 -14.37
N GLU C 10 25.53 0.30 -15.60
CA GLU C 10 25.93 -0.74 -16.54
C GLU C 10 26.51 -0.10 -17.80
N VAL C 11 27.45 -0.79 -18.41
CA VAL C 11 27.86 -0.48 -19.77
C VAL C 11 27.03 -1.35 -20.69
N LYS C 12 26.51 -0.77 -21.77
CA LYS C 12 25.77 -1.54 -22.77
C LYS C 12 26.25 -1.12 -24.15
N LYS C 13 26.67 -2.09 -24.96
CA LYS C 13 27.17 -1.80 -26.29
C LYS C 13 26.06 -1.14 -27.10
N PRO C 14 26.42 -0.29 -28.07
CA PRO C 14 25.39 0.31 -28.94
C PRO C 14 24.41 -0.72 -29.48
N GLY C 15 23.20 -0.28 -29.84
CA GLY C 15 22.21 -1.17 -30.42
C GLY C 15 21.52 -2.10 -29.45
N SER C 16 22.14 -2.41 -28.32
CA SER C 16 21.50 -3.28 -27.32
C SER C 16 20.59 -2.46 -26.40
N SER C 17 20.07 -3.11 -25.36
CA SER C 17 19.03 -2.54 -24.53
C SER C 17 19.43 -2.45 -23.06
N VAL C 18 18.85 -1.47 -22.36
CA VAL C 18 19.01 -1.30 -20.91
C VAL C 18 17.68 -1.55 -20.23
N ARG C 19 17.76 -2.16 -19.05
CA ARG C 19 16.66 -2.19 -18.11
C ARG C 19 17.19 -1.66 -16.79
N VAL C 20 16.67 -0.53 -16.33
CA VAL C 20 17.00 0.02 -15.02
C VAL C 20 15.75 0.01 -14.17
N SER C 21 15.91 -0.42 -12.91
CA SER C 21 14.85 -0.51 -11.92
C SER C 21 14.99 0.62 -10.91
N CYS C 22 13.86 0.96 -10.32
CA CYS C 22 13.78 2.02 -9.31
C CYS C 22 12.74 1.57 -8.29
N LYS C 23 13.19 1.25 -7.08
CA LYS C 23 12.33 0.67 -6.06
C LYS C 23 11.76 1.77 -5.17
N ALA C 24 10.45 2.01 -5.29
CA ALA C 24 9.77 3.14 -4.64
C ALA C 24 9.39 2.73 -3.22
N SER C 25 8.64 3.57 -2.50
CA SER C 25 7.98 3.15 -1.27
C SER C 25 6.50 2.84 -1.30
N GLY C 26 6.08 2.08 -0.30
CA GLY C 26 4.68 1.97 0.01
C GLY C 26 4.19 3.31 0.49
N ASP C 27 3.50 4.02 -0.40
CA ASP C 27 3.05 5.38 -0.20
C ASP C 27 3.29 6.16 -1.50
N THR C 28 4.55 6.18 -1.91
CA THR C 28 4.99 6.73 -3.19
C THR C 28 4.41 5.93 -4.36
N PHE C 29 4.40 4.60 -4.24
CA PHE C 29 3.97 3.75 -5.35
C PHE C 29 2.47 3.91 -5.63
N SER C 30 1.63 3.78 -4.61
CA SER C 30 0.20 3.59 -4.80
C SER C 30 -0.57 4.89 -4.97
N SER C 31 0.01 6.03 -4.55
CA SER C 31 -0.67 7.31 -4.57
C SER C 31 -0.02 8.33 -5.50
N TYR C 32 1.08 7.97 -6.19
CA TYR C 32 1.87 8.90 -6.98
C TYR C 32 2.29 8.28 -8.31
N SER C 33 2.91 9.10 -9.15
CA SER C 33 3.48 8.68 -10.43
C SER C 33 5.00 8.61 -10.35
N ILE C 34 5.62 7.90 -11.29
CA ILE C 34 7.07 7.84 -11.32
C ILE C 34 7.59 8.17 -12.70
N THR C 35 8.51 9.15 -12.76
CA THR C 35 8.98 9.79 -13.99
C THR C 35 10.47 9.56 -14.14
N TRP C 36 10.90 9.30 -15.36
CA TRP C 36 12.31 9.09 -15.64
C TRP C 36 12.84 10.28 -16.42
N VAL C 37 13.96 10.82 -15.96
CA VAL C 37 14.68 11.93 -16.58
C VAL C 37 16.15 11.56 -16.52
N ARG C 38 16.87 11.82 -17.60
CA ARG C 38 18.30 11.52 -17.67
C ARG C 38 19.11 12.81 -17.79
N GLN C 39 20.41 12.68 -17.62
CA GLN C 39 21.30 13.84 -17.64
C GLN C 39 22.57 13.50 -18.40
N ALA C 40 22.89 14.30 -19.41
CA ALA C 40 24.07 14.05 -20.22
C ALA C 40 24.64 15.37 -20.68
N PRO C 41 25.94 15.41 -21.00
CA PRO C 41 26.56 16.67 -21.47
C PRO C 41 25.92 17.22 -22.74
N GLY C 42 25.65 18.53 -22.73
CA GLY C 42 25.06 19.22 -23.84
C GLY C 42 23.58 19.45 -23.73
N HIS C 43 22.85 18.52 -23.12
CA HIS C 43 21.40 18.61 -23.00
C HIS C 43 21.01 18.58 -21.52
N GLY C 44 21.35 19.67 -20.80
CA GLY C 44 21.03 19.93 -19.40
C GLY C 44 20.37 18.84 -18.57
N LEU C 45 19.04 18.72 -18.70
CA LEU C 45 18.24 17.59 -18.22
C LEU C 45 17.13 17.29 -19.24
N GLN C 46 16.73 16.02 -19.32
CA GLN C 46 15.77 15.58 -20.34
C GLN C 46 14.75 14.60 -19.77
N TRP C 47 13.49 15.02 -19.75
CA TRP C 47 12.40 14.12 -19.40
C TRP C 47 12.23 13.04 -20.46
N MET C 48 11.88 11.84 -20.03
CA MET C 48 11.62 10.73 -20.95
C MET C 48 10.17 10.26 -20.93
N GLY C 49 9.65 9.90 -19.75
CA GLY C 49 8.28 9.47 -19.64
C GLY C 49 7.88 9.27 -18.20
N GLY C 50 6.58 9.06 -18.00
CA GLY C 50 6.03 8.79 -16.68
C GLY C 50 5.13 7.58 -16.70
N ILE C 51 4.91 7.05 -15.50
CA ILE C 51 3.94 5.97 -15.28
C ILE C 51 3.20 6.22 -13.98
N PHE C 52 1.90 5.94 -14.01
CA PHE C 52 1.01 5.97 -12.84
C PHE C 52 0.74 4.53 -12.46
N PRO C 53 1.47 3.97 -11.50
CA PRO C 53 1.24 2.57 -11.13
C PRO C 53 -0.16 2.27 -10.63
N ILE C 54 -0.92 3.29 -10.22
CA ILE C 54 -2.30 3.05 -9.82
C ILE C 54 -3.17 2.84 -11.06
N PHE C 55 -2.85 3.49 -12.17
CA PHE C 55 -3.60 3.35 -13.39
C PHE C 55 -2.96 2.40 -14.39
N GLY C 56 -1.75 1.93 -14.11
CA GLY C 56 -0.99 1.23 -15.15
C GLY C 56 -1.03 1.96 -16.47
N SER C 57 -0.88 3.28 -16.44
CA SER C 57 -0.84 4.10 -17.64
C SER C 57 0.51 4.78 -17.73
N THR C 58 1.00 4.93 -18.95
CA THR C 58 2.31 5.50 -19.20
C THR C 58 2.17 6.64 -20.19
N ASN C 59 3.08 7.59 -20.11
CA ASN C 59 3.24 8.53 -21.21
C ASN C 59 4.72 8.61 -21.57
N TYR C 60 4.98 8.80 -22.87
CA TYR C 60 6.31 8.69 -23.47
C TYR C 60 6.58 9.89 -24.37
N ALA C 61 7.69 10.58 -24.11
CA ALA C 61 8.06 11.74 -24.91
C ALA C 61 8.24 11.34 -26.37
N GLN C 62 7.97 12.28 -27.27
CA GLN C 62 7.95 11.95 -28.69
C GLN C 62 9.27 11.37 -29.15
N LYS C 63 10.40 11.92 -28.66
CA LYS C 63 11.71 11.42 -29.04
C LYS C 63 11.92 9.96 -28.63
N PHE C 64 11.13 9.43 -27.71
CA PHE C 64 11.28 8.07 -27.20
C PHE C 64 10.08 7.20 -27.59
N ASP C 65 9.41 7.56 -28.67
CA ASP C 65 8.09 7.00 -28.94
C ASP C 65 8.13 5.48 -29.04
N ASP C 66 9.16 4.94 -29.69
CA ASP C 66 9.20 3.51 -29.99
C ASP C 66 10.18 2.73 -29.12
N ARG C 67 11.20 3.39 -28.58
CA ARG C 67 12.31 2.69 -27.93
C ARG C 67 12.18 2.64 -26.43
N LEU C 68 11.22 3.35 -25.84
CA LEU C 68 11.10 3.49 -24.39
C LEU C 68 9.88 2.76 -23.86
N THR C 69 10.08 2.01 -22.75
CA THR C 69 9.02 1.22 -22.13
C THR C 69 9.13 1.33 -20.61
N ILE C 70 8.06 1.81 -19.95
CA ILE C 70 8.01 1.96 -18.49
C ILE C 70 6.95 1.00 -17.93
N THR C 71 7.38 0.18 -16.96
CA THR C 71 6.63 -0.95 -16.43
C THR C 71 6.73 -0.95 -14.90
N THR C 72 6.01 -1.88 -14.26
CA THR C 72 6.06 -2.06 -12.82
C THR C 72 6.03 -3.55 -12.49
N ASP C 73 6.63 -3.91 -11.35
CA ASP C 73 6.40 -5.20 -10.69
C ASP C 73 5.78 -4.89 -9.32
N ASP C 74 4.45 -4.84 -9.29
CA ASP C 74 3.71 -4.30 -8.13
C ASP C 74 4.15 -4.96 -6.82
N SER C 75 4.25 -6.28 -6.80
CA SER C 75 4.64 -7.01 -5.59
C SER C 75 5.99 -6.57 -5.01
N SER C 76 6.77 -5.78 -5.75
CA SER C 76 8.11 -5.39 -5.32
C SER C 76 8.28 -3.88 -5.30
N ARG C 77 7.21 -3.14 -5.63
CA ARG C 77 7.18 -1.68 -5.52
C ARG C 77 8.28 -1.03 -6.38
N THR C 78 8.75 -1.74 -7.40
CA THR C 78 9.78 -1.24 -8.31
C THR C 78 9.14 -0.78 -9.61
N VAL C 79 9.72 0.26 -10.21
CA VAL C 79 9.44 0.67 -11.58
C VAL C 79 10.71 0.46 -12.40
N TYR C 80 10.55 -0.06 -13.60
CA TYR C 80 11.65 -0.34 -14.50
C TYR C 80 11.56 0.58 -15.70
N MET C 81 12.72 0.88 -16.29
CA MET C 81 12.76 1.51 -17.59
C MET C 81 13.55 0.62 -18.56
N GLU C 82 12.96 0.39 -19.73
CA GLU C 82 13.59 -0.39 -20.78
C GLU C 82 13.88 0.56 -21.93
N LEU C 83 15.16 0.70 -22.28
CA LEU C 83 15.52 1.46 -23.45
C LEU C 83 16.28 0.57 -24.42
N THR C 84 15.79 0.51 -25.65
CA THR C 84 16.25 -0.45 -26.62
C THR C 84 16.83 0.26 -27.82
N SER C 85 17.58 -0.51 -28.61
CA SER C 85 18.24 0.00 -29.81
C SER C 85 19.11 1.20 -29.45
N LEU C 86 19.92 1.02 -28.40
CA LEU C 86 20.64 2.13 -27.78
C LEU C 86 21.46 2.90 -28.81
N ARG C 87 21.68 4.17 -28.53
CA ARG C 87 22.46 5.00 -29.40
C ARG C 87 23.64 5.57 -28.63
N LEU C 88 24.52 6.24 -29.37
CA LEU C 88 25.65 6.90 -28.73
C LEU C 88 25.18 8.03 -27.82
N GLU C 89 24.31 8.90 -28.33
CA GLU C 89 23.77 10.01 -27.54
C GLU C 89 22.87 9.55 -26.40
N ASP C 90 22.75 8.24 -26.18
CA ASP C 90 22.00 7.68 -25.06
C ASP C 90 22.80 7.37 -23.80
N THR C 91 24.07 7.76 -23.74
CA THR C 91 24.77 7.72 -22.48
C THR C 91 24.25 8.86 -21.61
N ALA C 92 23.87 8.54 -20.37
CA ALA C 92 23.22 9.50 -19.50
C ALA C 92 23.13 8.91 -18.10
N VAL C 93 23.06 9.79 -17.11
CA VAL C 93 22.69 9.38 -15.76
C VAL C 93 21.17 9.39 -15.66
N TYR C 94 20.61 8.20 -15.47
CA TYR C 94 19.17 8.00 -15.55
C TYR C 94 18.58 8.07 -14.16
N TYR C 95 17.62 8.98 -13.99
CA TYR C 95 16.96 9.22 -12.72
C TYR C 95 15.49 8.84 -12.85
N CYS C 96 14.95 8.25 -11.80
CA CYS C 96 13.51 8.27 -11.59
C CYS C 96 13.19 9.39 -10.62
N ALA C 97 12.02 9.98 -10.78
CA ALA C 97 11.47 10.91 -9.82
C ALA C 97 10.04 10.51 -9.54
N ARG C 98 9.54 10.96 -8.39
CA ARG C 98 8.13 10.84 -8.04
C ARG C 98 7.46 12.17 -8.29
N GLY C 99 6.35 12.15 -9.03
CA GLY C 99 5.63 13.39 -9.31
C GLY C 99 4.89 13.89 -8.09
N ALA C 100 5.01 15.20 -7.84
CA ALA C 100 4.60 15.78 -6.58
C ALA C 100 3.07 15.79 -6.42
N SER C 101 2.33 16.16 -7.45
CA SER C 101 0.87 16.17 -7.35
C SER C 101 0.36 14.74 -7.21
N LYS C 102 -0.18 14.41 -6.04
CA LYS C 102 -0.85 13.12 -5.82
C LYS C 102 -1.99 12.87 -6.82
N VAL C 103 -2.39 11.61 -6.97
CA VAL C 103 -3.38 11.31 -7.99
C VAL C 103 -4.76 11.90 -7.73
N GLU C 104 -5.42 12.22 -8.82
CA GLU C 104 -6.70 12.91 -8.86
C GLU C 104 -7.64 12.17 -9.80
N PRO C 105 -8.98 12.39 -9.63
CA PRO C 105 -10.01 11.78 -10.48
C PRO C 105 -10.24 12.48 -11.80
N ALA C 106 -9.15 12.79 -12.50
CA ALA C 106 -9.23 13.27 -13.87
C ALA C 106 -7.90 12.92 -14.52
N ALA C 107 -7.68 13.39 -15.74
CA ALA C 107 -6.53 12.95 -16.51
C ALA C 107 -5.20 12.96 -15.76
N PRO C 108 -4.42 11.89 -15.83
CA PRO C 108 -3.15 11.84 -15.09
C PRO C 108 -2.20 12.95 -15.55
N ALA C 109 -1.61 13.63 -14.56
CA ALA C 109 -0.63 14.69 -14.83
C ALA C 109 0.77 14.09 -14.78
N TYR C 110 1.14 13.43 -15.88
CA TYR C 110 2.53 13.03 -16.08
C TYR C 110 3.43 14.26 -16.07
N SER C 111 2.99 15.30 -16.76
CA SER C 111 3.68 16.58 -16.79
C SER C 111 3.37 17.32 -15.49
N ASP C 112 4.29 17.24 -14.54
CA ASP C 112 4.08 17.81 -13.22
C ASP C 112 5.47 18.25 -12.73
N ALA C 113 5.53 18.80 -11.52
CA ALA C 113 6.82 19.02 -10.87
C ALA C 113 7.24 17.72 -10.19
N PHE C 114 8.55 17.49 -10.12
CA PHE C 114 9.08 16.23 -9.64
C PHE C 114 9.70 16.42 -8.26
N ASP C 115 9.39 15.48 -7.37
CA ASP C 115 9.24 15.70 -5.94
C ASP C 115 10.33 15.06 -5.11
N MET C 116 10.69 13.82 -5.42
CA MET C 116 11.78 13.13 -4.77
C MET C 116 12.46 12.25 -5.81
N TRP C 117 13.77 12.35 -5.90
CA TRP C 117 14.56 11.77 -6.99
C TRP C 117 15.34 10.56 -6.51
N GLY C 118 15.50 9.60 -7.41
CA GLY C 118 16.41 8.51 -7.15
C GLY C 118 17.85 8.96 -7.29
N GLN C 119 18.77 8.18 -6.73
CA GLN C 119 20.18 8.55 -6.85
C GLN C 119 20.65 8.48 -8.30
N GLY C 120 19.96 7.75 -9.16
CA GLY C 120 20.30 7.73 -10.57
C GLY C 120 21.06 6.47 -10.96
N THR C 121 21.17 6.27 -12.27
CA THR C 121 21.88 5.11 -12.81
C THR C 121 22.71 5.59 -13.99
N LEU C 122 24.03 5.44 -13.90
CA LEU C 122 24.94 5.84 -14.98
C LEU C 122 25.02 4.75 -16.06
N VAL C 123 24.32 4.96 -17.17
CA VAL C 123 24.36 4.07 -18.33
C VAL C 123 25.37 4.63 -19.31
N THR C 124 26.47 3.93 -19.54
CA THR C 124 27.40 4.28 -20.62
C THR C 124 27.13 3.38 -21.82
N VAL C 125 26.87 3.99 -22.98
CA VAL C 125 26.70 3.28 -24.24
C VAL C 125 28.05 3.30 -24.96
N SER C 126 28.74 2.15 -25.00
CA SER C 126 30.03 2.11 -25.65
C SER C 126 30.38 0.71 -26.11
N SER C 127 31.40 0.68 -26.97
CA SER C 127 32.02 -0.56 -27.41
C SER C 127 33.15 -1.02 -26.50
N ALA C 128 33.58 -0.19 -25.54
CA ALA C 128 34.69 -0.59 -24.69
C ALA C 128 34.25 -1.65 -23.71
N SER C 129 35.25 -2.28 -23.11
CA SER C 129 35.04 -3.47 -22.30
C SER C 129 35.11 -3.11 -20.82
N THR C 130 34.23 -3.73 -20.02
CA THR C 130 34.33 -3.58 -18.58
C THR C 130 35.69 -4.05 -18.12
N LYS C 131 36.35 -3.26 -17.28
CA LYS C 131 37.60 -3.67 -16.66
C LYS C 131 37.65 -3.07 -15.26
N GLY C 132 37.94 -3.93 -14.28
CA GLY C 132 38.12 -3.49 -12.92
C GLY C 132 39.36 -2.62 -12.78
N PRO C 133 39.33 -1.70 -11.83
CA PRO C 133 40.46 -0.79 -11.64
C PRO C 133 41.62 -1.47 -10.94
N SER C 134 42.70 -0.71 -10.82
CA SER C 134 43.82 -1.04 -9.97
C SER C 134 43.93 0.09 -8.95
N VAL C 135 44.24 -0.25 -7.70
CA VAL C 135 44.38 0.73 -6.63
C VAL C 135 45.83 0.81 -6.22
N PHE C 136 46.38 2.02 -6.23
CA PHE C 136 47.77 2.17 -5.87
C PHE C 136 47.89 3.24 -4.80
N PRO C 137 48.83 3.09 -3.87
CA PRO C 137 48.90 4.03 -2.76
C PRO C 137 49.59 5.32 -3.18
N LEU C 138 49.06 6.43 -2.68
CA LEU C 138 49.78 7.70 -2.65
C LEU C 138 50.29 7.86 -1.22
N ALA C 139 51.52 7.63 -1.04
CA ALA C 139 52.11 7.65 0.28
C ALA C 139 52.71 9.02 0.60
N PRO C 140 52.70 9.42 1.91
CA PRO C 140 52.98 10.81 2.28
C PRO C 140 54.35 11.01 2.95
N SER C 141 55.03 12.09 2.64
CA SER C 141 56.20 12.49 3.43
C SER C 141 56.61 13.92 3.11
N GLY C 148 53.46 20.77 8.92
CA GLY C 148 52.55 20.36 9.98
C GLY C 148 51.37 19.53 9.51
N THR C 149 51.26 19.37 8.19
CA THR C 149 50.14 18.65 7.59
C THR C 149 50.63 17.66 6.55
N ALA C 150 50.00 16.49 6.53
CA ALA C 150 50.36 15.40 5.63
C ALA C 150 49.24 15.15 4.64
N ALA C 151 49.60 14.91 3.38
CA ALA C 151 48.65 14.55 2.36
C ALA C 151 48.91 13.12 1.89
N LEU C 152 47.85 12.35 1.66
CA LEU C 152 47.98 10.99 1.19
C LEU C 152 46.68 10.56 0.54
N GLY C 153 46.77 9.67 -0.43
CA GLY C 153 45.59 9.16 -1.08
C GLY C 153 45.78 7.84 -1.81
N CYS C 154 44.90 7.61 -2.78
CA CYS C 154 44.94 6.44 -3.64
C CYS C 154 44.90 6.86 -5.09
N LEU C 155 45.48 6.03 -5.95
CA LEU C 155 45.27 6.13 -7.39
C LEU C 155 44.40 4.96 -7.81
N VAL C 156 43.32 5.26 -8.56
CA VAL C 156 42.36 4.27 -9.04
C VAL C 156 42.45 4.27 -10.56
N LYS C 157 43.15 3.30 -11.13
CA LYS C 157 43.64 3.40 -12.49
C LYS C 157 43.13 2.24 -13.35
N ASP C 158 42.73 2.57 -14.57
CA ASP C 158 42.46 1.58 -15.60
C ASP C 158 41.14 0.84 -15.69
N TYR C 159 40.08 1.45 -15.16
CA TYR C 159 38.77 0.85 -15.27
C TYR C 159 37.76 1.42 -16.27
N PHE C 160 36.65 0.71 -16.42
CA PHE C 160 35.59 1.15 -17.32
C PHE C 160 34.31 0.39 -16.97
N PRO C 161 33.17 1.09 -16.90
CA PRO C 161 33.04 2.54 -17.06
C PRO C 161 33.11 3.24 -15.74
N GLU C 162 32.77 4.51 -15.73
CA GLU C 162 32.41 5.15 -14.49
C GLU C 162 31.21 4.36 -13.99
N PRO C 163 31.00 4.30 -12.68
CA PRO C 163 31.76 4.99 -11.64
C PRO C 163 32.47 4.09 -10.66
N VAL C 164 33.47 4.63 -9.97
CA VAL C 164 34.01 3.99 -8.78
C VAL C 164 33.51 4.76 -7.56
N THR C 165 33.58 4.12 -6.40
CA THR C 165 33.37 4.81 -5.13
C THR C 165 34.60 4.58 -4.26
N VAL C 166 34.87 5.54 -3.39
CA VAL C 166 36.07 5.55 -2.56
C VAL C 166 35.70 6.12 -1.19
N SER C 167 35.93 5.35 -0.14
CA SER C 167 35.80 5.83 1.23
C SER C 167 37.14 5.65 1.93
N TRP C 168 37.25 6.17 3.15
CA TRP C 168 38.50 6.13 3.89
C TRP C 168 38.23 5.65 5.31
N ASN C 169 38.81 4.50 5.69
CA ASN C 169 38.50 3.86 6.97
C ASN C 169 36.99 3.65 7.11
N SER C 170 36.37 3.18 6.04
CA SER C 170 34.90 3.15 5.86
C SER C 170 34.35 4.57 5.94
N GLY C 171 33.19 4.76 6.55
CA GLY C 171 32.59 6.09 6.59
C GLY C 171 33.24 6.98 7.63
N ALA C 172 34.15 6.43 8.44
CA ALA C 172 34.63 7.10 9.65
C ALA C 172 35.38 8.39 9.32
N LEU C 173 36.40 8.31 8.47
CA LEU C 173 37.17 9.48 8.07
C LEU C 173 36.47 10.18 6.92
N THR C 174 36.21 11.48 7.09
CA THR C 174 35.60 12.29 6.03
C THR C 174 36.13 13.72 5.96
N SER C 175 36.71 14.26 7.02
CA SER C 175 37.26 15.60 6.93
C SER C 175 38.48 15.61 6.03
N GLY C 176 38.63 16.69 5.26
CA GLY C 176 39.81 16.89 4.43
C GLY C 176 39.89 16.02 3.18
N VAL C 177 38.95 15.09 2.99
CA VAL C 177 38.92 14.23 1.81
C VAL C 177 38.54 15.06 0.60
N HIS C 178 39.19 14.79 -0.53
CA HIS C 178 38.90 15.43 -1.82
C HIS C 178 39.01 14.34 -2.90
N THR C 179 37.88 13.73 -3.27
CA THR C 179 37.90 12.70 -4.30
C THR C 179 37.63 13.34 -5.65
N PHE C 180 38.47 13.01 -6.62
CA PHE C 180 38.54 13.80 -7.83
C PHE C 180 37.73 13.19 -8.96
N PRO C 181 37.21 14.08 -9.79
CA PRO C 181 36.59 13.66 -11.05
C PRO C 181 37.53 12.79 -11.87
N ALA C 182 37.03 11.62 -12.24
CA ALA C 182 37.80 10.69 -13.05
C ALA C 182 38.21 11.31 -14.37
N VAL C 183 39.35 10.84 -14.89
CA VAL C 183 39.88 11.34 -16.15
C VAL C 183 39.89 10.19 -17.13
N LEU C 184 39.16 10.35 -18.22
CA LEU C 184 39.14 9.36 -19.28
C LEU C 184 40.46 9.43 -20.04
N GLN C 185 41.35 8.49 -19.78
CA GLN C 185 42.65 8.46 -20.41
C GLN C 185 42.53 8.16 -21.91
N SER C 186 43.58 8.53 -22.64
CA SER C 186 43.59 8.26 -24.07
C SER C 186 43.47 6.75 -24.35
N SER C 187 43.94 5.92 -23.43
CA SER C 187 43.77 4.46 -23.52
C SER C 187 42.32 4.02 -23.67
N GLY C 188 41.35 4.89 -23.36
CA GLY C 188 39.95 4.51 -23.31
C GLY C 188 39.45 4.23 -21.90
N LEU C 189 40.34 4.27 -20.90
CA LEU C 189 40.04 3.82 -19.56
C LEU C 189 40.22 4.96 -18.57
N TYR C 190 39.51 4.87 -17.46
CA TYR C 190 39.41 5.95 -16.49
C TYR C 190 40.51 5.85 -15.44
N SER C 191 40.79 7.00 -14.83
CA SER C 191 41.69 7.10 -13.69
C SER C 191 41.12 8.16 -12.75
N LEU C 192 41.28 7.92 -11.46
CA LEU C 192 40.67 8.76 -10.44
C LEU C 192 41.52 8.67 -9.18
N SER C 193 41.89 9.81 -8.64
CA SER C 193 42.50 9.81 -7.34
C SER C 193 41.47 10.17 -6.29
N SER C 194 41.83 9.89 -5.04
CA SER C 194 41.07 10.35 -3.89
C SER C 194 42.08 10.55 -2.80
N VAL C 195 42.11 11.73 -2.21
CA VAL C 195 43.14 12.11 -1.26
C VAL C 195 42.50 12.78 -0.07
N VAL C 196 43.28 12.85 1.01
CA VAL C 196 42.81 13.38 2.28
C VAL C 196 43.95 14.13 2.97
N THR C 197 43.60 15.21 3.65
CA THR C 197 44.47 15.99 4.50
C THR C 197 44.47 15.39 5.92
N VAL C 198 45.66 15.26 6.51
CA VAL C 198 45.80 14.73 7.87
C VAL C 198 46.97 15.42 8.58
N PRO C 199 47.13 15.24 9.91
CA PRO C 199 48.32 15.77 10.59
C PRO C 199 49.53 14.84 10.47
N SER C 200 50.70 15.47 10.44
CA SER C 200 51.95 14.71 10.32
C SER C 200 52.11 13.72 11.48
N SER C 201 51.72 14.13 12.69
CA SER C 201 51.97 13.29 13.86
C SER C 201 51.26 11.94 13.75
N SER C 202 49.97 11.97 13.38
CA SER C 202 49.10 10.80 13.36
C SER C 202 49.54 9.74 12.36
N LEU C 203 50.56 10.01 11.55
CA LEU C 203 51.04 9.01 10.59
C LEU C 203 51.48 7.73 11.32
N GLY C 204 52.29 7.88 12.37
CA GLY C 204 52.69 6.71 13.15
C GLY C 204 51.52 6.10 13.90
N THR C 205 50.68 6.93 14.51
CA THR C 205 49.48 6.48 15.21
C THR C 205 48.50 5.80 14.26
N GLN C 206 47.93 6.61 13.37
CA GLN C 206 46.77 6.22 12.58
C GLN C 206 47.17 5.46 11.33
N THR C 207 46.40 4.43 11.02
CA THR C 207 46.47 3.77 9.74
C THR C 207 45.22 4.17 8.96
N TYR C 208 45.38 4.39 7.65
CA TYR C 208 44.31 4.86 6.79
C TYR C 208 44.06 3.83 5.69
N ILE C 209 42.80 3.65 5.33
CA ILE C 209 42.42 2.60 4.40
C ILE C 209 41.42 3.17 3.41
N CYS C 210 41.77 3.11 2.12
CA CYS C 210 40.89 3.59 1.05
C CYS C 210 40.14 2.39 0.49
N ASN C 211 38.82 2.39 0.64
CA ASN C 211 37.99 1.28 0.18
C ASN C 211 37.46 1.69 -1.18
N VAL C 212 38.03 1.14 -2.24
CA VAL C 212 37.54 1.37 -3.60
C VAL C 212 36.61 0.23 -3.98
N ASN C 213 35.47 0.57 -4.56
CA ASN C 213 34.55 -0.43 -5.08
C ASN C 213 34.16 -0.03 -6.50
N HIS C 214 34.23 -0.99 -7.42
CA HIS C 214 33.84 -0.77 -8.81
C HIS C 214 32.78 -1.81 -9.13
N LYS C 215 31.57 -1.45 -9.08
CA LYS C 215 30.39 -2.29 -9.06
C LYS C 215 30.05 -2.89 -10.41
N PRO C 216 30.38 -2.19 -11.49
CA PRO C 216 30.21 -2.81 -12.82
C PRO C 216 31.07 -4.03 -13.02
N SER C 217 32.35 -3.93 -12.63
CA SER C 217 33.25 -5.09 -12.60
C SER C 217 33.25 -5.78 -11.24
N ASN C 218 32.40 -5.35 -10.30
CA ASN C 218 32.23 -5.99 -9.01
C ASN C 218 33.58 -6.18 -8.29
N THR C 219 34.38 -5.12 -8.27
CA THR C 219 35.68 -5.14 -7.61
C THR C 219 35.60 -4.51 -6.22
N LYS C 220 36.32 -5.10 -5.26
CA LYS C 220 36.36 -4.60 -3.89
C LYS C 220 37.79 -4.65 -3.39
N VAL C 221 38.28 -3.52 -2.88
CA VAL C 221 39.70 -3.33 -2.63
C VAL C 221 39.90 -2.34 -1.48
N ASP C 222 40.91 -2.59 -0.68
CA ASP C 222 41.36 -1.59 0.25
C ASP C 222 42.85 -1.37 0.00
N LYS C 223 43.44 -0.47 0.79
CA LYS C 223 44.84 -0.13 0.64
C LYS C 223 45.19 0.75 1.83
N ARG C 224 46.48 0.90 2.08
CA ARG C 224 46.92 1.81 3.12
C ARG C 224 47.93 2.74 2.49
N VAL C 225 48.86 3.27 3.29
CA VAL C 225 49.81 4.24 2.76
C VAL C 225 50.81 3.55 3.72
N GLU C 226 51.99 4.15 3.92
CA GLU C 226 52.93 3.64 4.90
C GLU C 226 52.84 2.69 6.09
N ASP D 1 7.49 22.11 -28.69
CA ASP D 1 8.24 22.00 -27.44
C ASP D 1 8.74 23.29 -26.83
N ILE D 2 8.28 23.63 -25.62
CA ILE D 2 8.70 24.89 -25.04
C ILE D 2 10.18 24.81 -24.71
N VAL D 3 10.94 25.80 -25.18
CA VAL D 3 12.36 25.88 -24.86
C VAL D 3 12.53 26.74 -23.62
N MET D 4 13.29 26.21 -22.65
CA MET D 4 13.62 26.92 -21.42
C MET D 4 15.06 27.41 -21.54
N THR D 5 15.24 28.72 -21.56
CA THR D 5 16.56 29.35 -21.70
C THR D 5 16.91 30.07 -20.41
N GLN D 6 17.98 29.64 -19.76
CA GLN D 6 18.43 30.18 -18.49
C GLN D 6 19.66 31.06 -18.64
N SER D 7 19.86 31.94 -17.68
CA SER D 7 20.92 32.94 -17.75
C SER D 7 21.19 33.59 -16.38
N PRO D 8 22.47 33.89 -16.11
CA PRO D 8 23.60 33.62 -17.00
C PRO D 8 24.12 32.20 -16.82
N GLY D 9 25.13 31.78 -17.59
CA GLY D 9 25.65 30.44 -17.42
C GLY D 9 26.24 30.25 -16.03
N THR D 10 27.12 31.15 -15.62
CA THR D 10 27.67 31.12 -14.29
C THR D 10 27.39 32.47 -13.63
N LEU D 11 27.21 32.40 -12.32
CA LEU D 11 27.00 33.52 -11.43
C LEU D 11 28.05 33.38 -10.34
N SER D 12 28.76 34.45 -10.02
CA SER D 12 29.84 34.39 -9.04
C SER D 12 29.63 35.51 -8.01
N LEU D 13 29.11 35.13 -6.84
CA LEU D 13 28.70 36.08 -5.83
C LEU D 13 29.26 35.65 -4.48
N SER D 14 29.41 36.64 -3.56
CA SER D 14 29.95 36.50 -2.21
C SER D 14 28.84 36.27 -1.18
N PRO D 15 29.15 35.47 -0.17
CA PRO D 15 28.15 35.12 0.84
C PRO D 15 27.40 36.35 1.33
N GLY D 16 26.07 36.26 1.32
CA GLY D 16 25.19 37.32 1.78
C GLY D 16 24.41 38.00 0.68
N GLU D 17 24.97 38.06 -0.53
CA GLU D 17 24.34 38.83 -1.58
C GLU D 17 23.10 38.13 -2.14
N ARG D 18 22.26 38.93 -2.78
CA ARG D 18 21.10 38.44 -3.49
C ARG D 18 21.49 37.92 -4.85
N ALA D 19 20.94 36.77 -5.23
CA ALA D 19 21.26 36.11 -6.50
C ALA D 19 20.00 36.02 -7.34
N THR D 20 20.03 36.64 -8.52
CA THR D 20 18.85 36.82 -9.37
C THR D 20 18.97 35.97 -10.63
N LEU D 21 18.28 34.83 -10.66
CA LEU D 21 18.43 33.83 -11.71
C LEU D 21 17.20 33.82 -12.62
N SER D 22 17.44 33.82 -13.93
CA SER D 22 16.43 34.15 -14.93
C SER D 22 16.05 32.91 -15.73
N CYS D 23 14.75 32.73 -15.95
CA CYS D 23 14.23 31.66 -16.78
C CYS D 23 13.27 32.28 -17.80
N ARG D 24 13.51 32.01 -19.08
CA ARG D 24 12.78 32.61 -20.18
C ARG D 24 12.20 31.48 -21.01
N THR D 25 10.88 31.32 -20.99
CA THR D 25 10.24 30.21 -21.69
C THR D 25 9.93 30.61 -23.13
N SER D 26 10.10 29.67 -24.05
CA SER D 26 9.89 30.00 -25.45
C SER D 26 8.45 30.40 -25.74
N GLN D 27 7.50 29.90 -24.95
CA GLN D 27 6.13 30.37 -25.02
C GLN D 27 5.66 30.82 -23.64
N GLY D 28 4.59 31.60 -23.63
CA GLY D 28 3.87 31.94 -22.42
C GLY D 28 3.50 30.70 -21.65
N VAL D 29 3.78 30.70 -20.36
CA VAL D 29 3.61 29.53 -19.50
C VAL D 29 2.83 29.97 -18.27
N SER D 30 1.83 29.17 -17.87
CA SER D 30 1.12 29.43 -16.64
C SER D 30 2.07 29.40 -15.46
N SER D 31 1.98 30.41 -14.60
CA SER D 31 2.74 30.44 -13.36
C SER D 31 2.50 29.21 -12.48
N SER D 32 1.55 28.34 -12.81
CA SER D 32 1.32 27.15 -11.99
C SER D 32 2.26 26.00 -12.35
N TYR D 33 2.90 26.07 -13.52
CA TYR D 33 3.63 24.94 -14.07
C TYR D 33 5.10 25.27 -14.31
N LEU D 34 5.70 26.09 -13.45
CA LEU D 34 7.11 26.43 -13.57
C LEU D 34 7.84 26.10 -12.28
N ALA D 35 8.81 25.19 -12.33
CA ALA D 35 9.51 24.73 -11.14
C ALA D 35 10.99 25.08 -11.21
N TRP D 36 11.66 25.03 -10.05
CA TRP D 36 13.08 25.37 -9.93
C TRP D 36 13.78 24.34 -9.06
N TYR D 37 14.91 23.81 -9.55
CA TYR D 37 15.70 22.82 -8.82
C TYR D 37 17.11 23.32 -8.53
N GLN D 38 17.63 22.90 -7.40
CA GLN D 38 19.04 22.92 -7.09
C GLN D 38 19.59 21.53 -7.41
N GLN D 39 20.91 21.42 -7.52
CA GLN D 39 21.54 20.13 -7.74
C GLN D 39 23.02 20.30 -7.41
N LYS D 40 23.48 19.64 -6.35
CA LYS D 40 24.86 19.85 -5.90
C LYS D 40 25.79 18.84 -6.55
N PRO D 41 27.12 19.07 -6.48
CA PRO D 41 28.07 18.06 -6.94
C PRO D 41 27.71 16.66 -6.50
N GLY D 42 27.39 15.79 -7.47
CA GLY D 42 27.18 14.37 -7.24
C GLY D 42 25.77 13.94 -6.89
N GLN D 43 24.95 14.84 -6.35
CA GLN D 43 23.64 14.47 -5.86
C GLN D 43 22.57 14.57 -6.95
N ALA D 44 21.38 14.09 -6.62
CA ALA D 44 20.26 14.22 -7.52
C ALA D 44 19.71 15.63 -7.48
N PRO D 45 18.92 16.02 -8.49
CA PRO D 45 18.17 17.28 -8.39
C PRO D 45 17.32 17.35 -7.12
N ARG D 46 17.25 18.58 -6.59
CA ARG D 46 16.56 18.92 -5.35
C ARG D 46 15.56 20.00 -5.73
N LEU D 47 14.28 19.65 -5.76
CA LEU D 47 13.24 20.60 -6.09
C LEU D 47 13.19 21.70 -5.06
N LEU D 48 13.32 22.95 -5.50
CA LEU D 48 13.27 24.10 -4.59
C LEU D 48 11.87 24.71 -4.56
N ILE D 49 11.39 25.12 -5.74
CA ILE D 49 10.15 25.85 -5.94
C ILE D 49 9.33 25.12 -6.99
N SER D 50 8.02 25.21 -6.85
CA SER D 50 7.07 24.77 -7.86
C SER D 50 5.96 25.82 -7.96
N GLY D 51 5.00 25.62 -8.86
CA GLY D 51 3.96 26.61 -9.06
C GLY D 51 4.48 28.03 -9.06
N SER D 52 5.55 28.23 -9.82
CA SER D 52 6.17 29.54 -9.92
C SER D 52 6.73 29.89 -8.53
N SER D 53 5.88 29.99 -7.51
CA SER D 53 6.41 30.48 -6.22
C SER D 53 6.63 29.46 -5.09
N SER D 54 5.70 28.53 -4.85
CA SER D 54 5.53 27.81 -3.58
C SER D 54 6.75 26.95 -3.29
N ARG D 55 7.42 27.24 -2.19
CA ARG D 55 8.67 26.59 -1.83
C ARG D 55 8.43 25.16 -1.36
N ALA D 56 9.18 24.20 -1.89
CA ALA D 56 9.06 22.81 -1.48
C ALA D 56 9.44 22.63 0.00
N THR D 57 9.11 21.47 0.53
CA THR D 57 9.30 21.24 1.97
C THR D 57 10.77 21.04 2.29
N GLY D 58 11.18 21.60 3.44
CA GLY D 58 12.56 21.59 3.86
C GLY D 58 13.40 22.71 3.31
N ILE D 59 13.05 23.22 2.12
CA ILE D 59 13.81 24.29 1.47
C ILE D 59 13.85 25.52 2.38
N PRO D 60 14.98 26.22 2.52
CA PRO D 60 15.04 27.38 3.42
C PRO D 60 14.32 28.61 2.90
N ASP D 61 14.04 29.51 3.85
CA ASP D 61 13.38 30.81 3.69
C ASP D 61 13.79 31.62 2.47
N ARG D 62 15.09 31.64 2.17
CA ARG D 62 15.63 32.59 1.22
C ARG D 62 15.33 32.23 -0.24
N PHE D 63 15.03 30.97 -0.52
CA PHE D 63 14.77 30.51 -1.88
C PHE D 63 13.39 30.99 -2.34
N SER D 64 13.39 31.99 -3.21
CA SER D 64 12.16 32.62 -3.69
C SER D 64 12.04 32.43 -5.21
N GLY D 65 10.87 32.06 -5.68
CA GLY D 65 10.58 31.98 -7.11
C GLY D 65 9.43 32.89 -7.50
N SER D 66 9.53 33.49 -8.68
CA SER D 66 8.52 34.46 -9.13
C SER D 66 8.51 34.54 -10.65
N GLY D 67 7.84 35.56 -11.17
CA GLY D 67 7.76 35.86 -12.59
C GLY D 67 6.43 35.45 -13.20
N SER D 68 6.13 36.04 -14.36
CA SER D 68 4.91 35.75 -15.12
C SER D 68 5.21 35.64 -16.59
N GLY D 69 4.23 35.08 -17.31
CA GLY D 69 4.27 35.05 -18.76
C GLY D 69 5.40 34.16 -19.19
N ARG D 70 6.43 34.73 -19.82
CA ARG D 70 7.61 33.97 -20.18
C ARG D 70 8.87 34.23 -19.37
N ASP D 71 8.85 35.18 -18.43
CA ASP D 71 10.05 35.66 -17.73
C ASP D 71 9.95 35.36 -16.25
N PHE D 72 10.67 34.34 -15.80
CA PHE D 72 10.58 33.83 -14.45
C PHE D 72 11.90 34.01 -13.74
N THR D 73 11.86 33.90 -12.41
CA THR D 73 12.98 34.29 -11.56
C THR D 73 13.08 33.40 -10.33
N LEU D 74 14.21 32.76 -10.16
CA LEU D 74 14.58 32.17 -8.88
C LEU D 74 15.51 33.13 -8.16
N THR D 75 15.14 33.52 -6.94
CA THR D 75 15.93 34.39 -6.09
C THR D 75 16.46 33.59 -4.91
N ILE D 76 17.72 33.86 -4.54
CA ILE D 76 18.21 33.59 -3.20
C ILE D 76 18.59 34.92 -2.58
N SER D 77 17.89 35.29 -1.51
CA SER D 77 18.01 36.63 -0.96
C SER D 77 19.37 36.89 -0.35
N ARG D 78 19.94 35.90 0.35
CA ARG D 78 21.24 36.06 0.99
C ARG D 78 21.95 34.72 0.98
N LEU D 79 23.12 34.68 0.37
CA LEU D 79 23.72 33.41 -0.03
C LEU D 79 24.55 32.85 1.11
N GLU D 80 24.50 31.52 1.24
CA GLU D 80 25.40 30.80 2.12
C GLU D 80 26.40 30.01 1.30
N PRO D 81 27.56 29.68 1.86
CA PRO D 81 28.56 28.94 1.06
C PRO D 81 28.06 27.62 0.54
N GLU D 82 26.99 27.09 1.11
CA GLU D 82 26.42 25.83 0.67
C GLU D 82 25.63 25.97 -0.62
N ASP D 83 25.11 27.16 -0.94
CA ASP D 83 24.27 27.33 -2.12
C ASP D 83 25.01 27.09 -3.45
N SER D 84 26.33 26.84 -3.41
CA SER D 84 27.09 26.59 -4.62
C SER D 84 26.48 25.39 -5.33
N ALA D 85 25.84 25.61 -6.47
CA ALA D 85 25.13 24.53 -7.14
C ALA D 85 24.76 24.99 -8.53
N VAL D 86 24.07 24.10 -9.25
CA VAL D 86 23.46 24.38 -10.55
C VAL D 86 21.96 24.45 -10.34
N TYR D 87 21.35 25.53 -10.81
CA TYR D 87 19.92 25.77 -10.63
C TYR D 87 19.26 25.66 -11.99
N TYR D 88 18.32 24.71 -12.12
CA TYR D 88 17.48 24.53 -13.30
C TYR D 88 16.07 25.01 -13.01
N CYS D 89 15.41 25.55 -14.04
CA CYS D 89 13.97 25.71 -14.05
C CYS D 89 13.37 24.62 -14.94
N GLN D 90 12.05 24.58 -14.95
CA GLN D 90 11.34 23.58 -15.72
C GLN D 90 9.91 24.07 -15.90
N GLN D 91 9.37 23.87 -17.08
CA GLN D 91 7.94 24.02 -17.28
C GLN D 91 7.28 22.65 -17.29
N TYR D 92 6.07 22.58 -16.75
CA TYR D 92 5.31 21.33 -16.86
C TYR D 92 3.92 21.37 -17.45
N ALA D 93 3.51 22.56 -17.93
CA ALA D 93 2.36 22.66 -18.83
C ALA D 93 2.32 21.78 -20.08
N THR D 94 3.48 21.58 -20.70
CA THR D 94 3.75 20.65 -21.78
C THR D 94 4.48 19.45 -21.19
N SER D 95 4.71 18.42 -21.99
CA SER D 95 5.65 17.38 -21.58
C SER D 95 6.92 18.03 -21.01
N PRO D 96 7.32 17.68 -19.78
CA PRO D 96 8.39 18.42 -19.09
C PRO D 96 9.69 18.62 -19.86
N THR D 97 10.20 19.86 -19.87
CA THR D 97 11.54 20.16 -20.34
C THR D 97 12.24 21.14 -19.38
N PHE D 98 13.57 21.15 -19.34
CA PHE D 98 14.33 21.96 -18.38
C PHE D 98 15.25 22.92 -19.13
N GLY D 99 15.48 24.09 -18.56
CA GLY D 99 16.57 24.96 -19.01
C GLY D 99 17.91 24.28 -18.81
N GLN D 100 18.96 24.85 -19.43
CA GLN D 100 20.23 24.13 -19.40
C GLN D 100 21.10 24.50 -18.22
N GLY D 101 20.79 25.59 -17.51
CA GLY D 101 21.39 25.81 -16.21
C GLY D 101 22.04 27.15 -15.98
N THR D 102 22.13 27.51 -14.71
CA THR D 102 22.88 28.67 -14.25
C THR D 102 23.71 28.20 -13.06
N ARG D 103 25.03 28.20 -13.19
CA ARG D 103 25.89 27.86 -12.07
C ARG D 103 25.90 29.01 -11.07
N VAL D 104 26.18 28.68 -9.81
CA VAL D 104 26.31 29.68 -8.75
C VAL D 104 27.59 29.34 -7.98
N GLU D 105 28.69 29.96 -8.38
CA GLU D 105 29.93 29.90 -7.61
C GLU D 105 29.89 30.89 -6.45
N ILE D 106 30.29 30.43 -5.27
CA ILE D 106 30.37 31.28 -4.08
C ILE D 106 31.74 31.93 -4.04
N LYS D 107 31.78 33.26 -4.13
CA LYS D 107 33.05 33.97 -4.15
C LYS D 107 33.67 33.97 -2.76
N ARG D 108 34.90 34.47 -2.70
CA ARG D 108 35.83 33.99 -1.70
C ARG D 108 37.15 34.76 -1.79
N THR D 109 37.76 35.09 -0.66
CA THR D 109 39.09 35.69 -0.72
C THR D 109 40.05 34.73 -1.42
N VAL D 110 41.14 35.30 -1.94
CA VAL D 110 42.19 34.51 -2.57
C VAL D 110 42.84 33.58 -1.55
N ALA D 111 42.99 32.30 -1.92
CA ALA D 111 43.64 31.29 -1.11
C ALA D 111 44.61 30.51 -1.97
N ALA D 112 45.90 30.57 -1.61
CA ALA D 112 46.91 29.80 -2.32
C ALA D 112 46.67 28.30 -2.12
N PRO D 113 47.01 27.48 -3.10
CA PRO D 113 46.89 26.03 -2.90
C PRO D 113 48.05 25.51 -2.08
N SER D 114 47.78 24.48 -1.30
CA SER D 114 48.87 23.74 -0.68
C SER D 114 49.28 22.64 -1.64
N VAL D 115 50.57 22.59 -1.95
CA VAL D 115 51.08 21.81 -3.08
C VAL D 115 51.84 20.62 -2.53
N PHE D 116 51.47 19.43 -3.02
CA PHE D 116 52.05 18.15 -2.66
C PHE D 116 52.52 17.42 -3.92
N ILE D 117 53.37 16.41 -3.75
CA ILE D 117 53.84 15.56 -4.85
C ILE D 117 53.99 14.13 -4.35
N PHE D 118 53.51 13.18 -5.15
CA PHE D 118 53.57 11.77 -4.80
C PHE D 118 54.33 11.02 -5.87
N PRO D 119 55.37 10.28 -5.52
CA PRO D 119 56.05 9.43 -6.51
C PRO D 119 55.23 8.18 -6.77
N PRO D 120 55.53 7.45 -7.84
CA PRO D 120 54.72 6.28 -8.18
C PRO D 120 54.95 5.12 -7.23
N SER D 121 53.90 4.33 -7.03
CA SER D 121 53.97 3.19 -6.12
C SER D 121 54.82 2.08 -6.73
N ASP D 122 55.29 1.17 -5.87
CA ASP D 122 56.20 0.12 -6.34
C ASP D 122 55.47 -0.93 -7.17
N GLU D 123 54.29 -1.37 -6.72
CA GLU D 123 53.54 -2.35 -7.48
C GLU D 123 53.10 -1.81 -8.83
N GLN D 124 52.78 -0.51 -8.91
CA GLN D 124 52.55 0.09 -10.22
C GLN D 124 53.84 0.17 -11.02
N LEU D 125 54.98 0.35 -10.34
CA LEU D 125 56.25 0.30 -11.06
C LEU D 125 56.53 -1.10 -11.58
N LYS D 126 56.20 -2.13 -10.79
CA LYS D 126 56.19 -3.49 -11.31
C LYS D 126 55.21 -3.61 -12.48
N SER D 127 54.02 -3.00 -12.36
CA SER D 127 53.06 -2.96 -13.46
C SER D 127 53.66 -2.43 -14.78
N GLY D 128 54.79 -1.71 -14.73
CA GLY D 128 55.46 -1.25 -15.93
C GLY D 128 55.18 0.18 -16.36
N THR D 129 54.16 0.83 -15.81
CA THR D 129 53.89 2.25 -16.05
C THR D 129 54.02 2.99 -14.73
N ALA D 130 54.61 4.18 -14.81
CA ALA D 130 54.79 5.05 -13.65
C ALA D 130 53.82 6.21 -13.72
N SER D 131 53.19 6.54 -12.58
CA SER D 131 52.25 7.65 -12.47
C SER D 131 52.72 8.62 -11.39
N VAL D 132 52.98 9.87 -11.76
CA VAL D 132 53.40 10.91 -10.82
C VAL D 132 52.24 11.89 -10.65
N VAL D 133 51.77 12.07 -9.41
CA VAL D 133 50.61 12.90 -9.12
C VAL D 133 51.03 14.21 -8.47
N CYS D 134 50.38 15.28 -8.87
CA CYS D 134 50.46 16.52 -8.11
C CYS D 134 49.09 16.85 -7.52
N LEU D 135 49.10 17.55 -6.38
CA LEU D 135 47.88 17.86 -5.63
C LEU D 135 47.93 19.32 -5.16
N LEU D 136 47.07 20.15 -5.73
CA LEU D 136 46.88 21.53 -5.29
C LEU D 136 45.65 21.50 -4.40
N ASN D 137 45.84 21.58 -3.10
CA ASN D 137 44.72 21.43 -2.17
C ASN D 137 44.14 22.77 -1.74
N ASN D 138 42.83 22.93 -1.93
CA ASN D 138 42.00 23.92 -1.23
C ASN D 138 42.28 25.39 -1.55
N PHE D 139 42.42 25.68 -2.84
CA PHE D 139 42.75 27.00 -3.34
C PHE D 139 41.57 27.78 -3.92
N TYR D 140 41.85 29.02 -4.27
CA TYR D 140 40.90 29.91 -4.92
C TYR D 140 41.62 31.18 -5.39
N PRO D 141 41.26 31.71 -6.58
CA PRO D 141 40.27 31.29 -7.58
C PRO D 141 40.63 30.05 -8.39
N ARG D 142 39.73 29.67 -9.31
CA ARG D 142 39.86 28.39 -9.99
C ARG D 142 41.07 28.34 -10.90
N GLU D 143 41.54 29.48 -11.38
CA GLU D 143 42.71 29.43 -12.25
C GLU D 143 43.91 28.97 -11.45
N ALA D 144 44.39 27.78 -11.78
CA ALA D 144 45.67 27.29 -11.31
C ALA D 144 46.35 26.62 -12.48
N LYS D 145 47.65 26.81 -12.57
CA LYS D 145 48.47 26.17 -13.59
C LYS D 145 49.40 25.18 -12.91
N VAL D 146 49.58 24.02 -13.53
CA VAL D 146 50.60 23.08 -13.11
C VAL D 146 51.48 22.78 -14.31
N GLN D 147 52.80 22.92 -14.11
CA GLN D 147 53.77 22.46 -15.08
C GLN D 147 54.55 21.31 -14.47
N TRP D 148 54.90 20.35 -15.32
CA TRP D 148 55.78 19.26 -14.95
C TRP D 148 57.15 19.50 -15.55
N LYS D 149 58.19 19.08 -14.81
CA LYS D 149 59.57 19.16 -15.24
C LYS D 149 60.25 17.87 -14.84
N VAL D 150 60.99 17.26 -15.77
CA VAL D 150 61.72 16.03 -15.50
C VAL D 150 63.19 16.26 -15.83
N ASP D 151 64.06 16.06 -14.84
CA ASP D 151 65.44 16.51 -14.92
C ASP D 151 65.50 17.90 -15.54
N ASN D 152 64.64 18.77 -15.02
CA ASN D 152 64.48 20.15 -15.46
C ASN D 152 63.93 20.24 -16.87
N ALA D 153 63.16 19.24 -17.33
CA ALA D 153 62.56 19.27 -18.66
C ALA D 153 61.05 19.46 -18.54
N LEU D 154 60.55 20.58 -19.10
CA LEU D 154 59.14 20.92 -19.08
C LEU D 154 58.29 19.89 -19.81
N GLN D 155 57.43 19.19 -19.08
CA GLN D 155 56.60 18.17 -19.70
C GLN D 155 55.42 18.78 -20.43
N SER D 156 54.97 18.08 -21.46
CA SER D 156 53.91 18.58 -22.32
C SER D 156 53.26 17.40 -23.01
N GLY D 157 51.98 17.13 -22.69
CA GLY D 157 51.20 16.14 -23.39
C GLY D 157 51.03 14.82 -22.67
N ASN D 158 51.74 14.59 -21.57
CA ASN D 158 51.63 13.39 -20.76
C ASN D 158 51.07 13.68 -19.37
N SER D 159 50.31 14.75 -19.23
CA SER D 159 49.66 15.12 -17.99
C SER D 159 48.14 15.07 -18.15
N GLN D 160 47.46 14.98 -17.02
CA GLN D 160 46.00 15.11 -16.93
C GLN D 160 45.67 15.75 -15.60
N GLU D 161 44.63 16.59 -15.56
CA GLU D 161 44.15 17.07 -14.27
C GLU D 161 42.64 16.92 -14.13
N SER D 162 42.20 16.88 -12.89
CA SER D 162 40.82 17.05 -12.54
C SER D 162 40.76 18.01 -11.38
N VAL D 163 39.57 18.51 -11.10
CA VAL D 163 39.38 19.53 -10.08
C VAL D 163 38.07 19.25 -9.37
N THR D 164 38.09 19.38 -8.04
CA THR D 164 36.85 19.25 -7.31
C THR D 164 35.96 20.46 -7.58
N GLU D 165 34.66 20.24 -7.50
CA GLU D 165 33.78 21.38 -7.44
C GLU D 165 33.95 22.09 -6.09
N GLN D 166 33.45 23.32 -6.04
CA GLN D 166 33.77 24.22 -4.95
C GLN D 166 33.30 23.63 -3.62
N ASP D 167 34.05 23.91 -2.56
CA ASP D 167 33.85 23.23 -1.29
C ASP D 167 32.71 23.89 -0.51
N SER D 168 31.65 23.12 -0.25
CA SER D 168 30.45 23.64 0.40
C SER D 168 30.75 24.37 1.70
N LYS D 169 31.88 24.08 2.33
CA LYS D 169 32.19 24.76 3.59
C LYS D 169 33.04 26.00 3.36
N ASP D 170 34.25 25.83 2.81
CA ASP D 170 35.18 26.95 2.65
C ASP D 170 35.26 27.50 1.22
N SER D 171 34.49 26.92 0.28
CA SER D 171 34.35 27.46 -1.08
C SER D 171 35.65 27.41 -1.87
N THR D 172 36.46 26.40 -1.60
CA THR D 172 37.72 26.19 -2.29
C THR D 172 37.63 25.01 -3.24
N TYR D 173 38.59 24.94 -4.15
CA TYR D 173 38.78 23.81 -5.04
C TYR D 173 40.03 23.06 -4.62
N SER D 174 40.17 21.87 -5.16
CA SER D 174 41.47 21.22 -5.16
C SER D 174 41.76 20.73 -6.58
N LEU D 175 43.02 20.40 -6.83
CA LEU D 175 43.42 19.93 -8.14
C LEU D 175 44.34 18.73 -8.00
N SER D 176 43.96 17.63 -8.64
CA SER D 176 44.82 16.47 -8.83
C SER D 176 45.30 16.46 -10.27
N SER D 177 46.60 16.18 -10.46
CA SER D 177 47.23 16.04 -11.77
C SER D 177 48.11 14.79 -11.83
N THR D 178 48.03 14.06 -12.94
CA THR D 178 48.71 12.78 -13.08
C THR D 178 49.59 12.79 -14.31
N LEU D 179 50.91 12.70 -14.10
CA LEU D 179 51.87 12.52 -15.17
C LEU D 179 52.03 11.03 -15.43
N THR D 180 52.10 10.65 -16.70
CA THR D 180 52.19 9.24 -17.06
C THR D 180 53.36 8.98 -18.00
N LEU D 181 54.22 8.04 -17.60
CA LEU D 181 55.42 7.63 -18.33
C LEU D 181 55.56 6.12 -18.26
N SER D 182 56.38 5.57 -19.15
CA SER D 182 56.75 4.17 -19.01
C SER D 182 57.66 4.02 -17.82
N LYS D 183 57.57 2.87 -17.13
CA LYS D 183 58.57 2.57 -16.12
C LYS D 183 59.96 2.80 -16.66
N ALA D 184 60.17 2.47 -17.93
CA ALA D 184 61.46 2.67 -18.58
C ALA D 184 61.84 4.14 -18.66
N ASP D 185 60.90 4.99 -19.08
CA ASP D 185 61.13 6.43 -18.98
C ASP D 185 61.34 6.87 -17.54
N TYR D 186 60.63 6.26 -16.61
CA TYR D 186 60.69 6.72 -15.24
C TYR D 186 62.05 6.39 -14.63
N GLU D 187 62.49 5.12 -14.75
CA GLU D 187 63.79 4.74 -14.20
C GLU D 187 64.95 5.40 -14.91
N LYS D 188 64.71 6.05 -16.06
CA LYS D 188 65.73 6.75 -16.84
C LYS D 188 65.98 8.19 -16.33
N HIS D 189 65.23 8.67 -15.35
CA HIS D 189 65.38 10.02 -14.81
C HIS D 189 65.34 10.01 -13.28
N LYS D 190 65.68 11.15 -12.67
CA LYS D 190 65.75 11.23 -11.20
C LYS D 190 64.99 12.40 -10.54
N VAL D 191 65.15 13.62 -11.03
CA VAL D 191 64.46 14.79 -10.44
C VAL D 191 63.12 15.02 -11.13
N TYR D 192 62.03 14.89 -10.37
CA TYR D 192 60.66 15.04 -10.83
C TYR D 192 59.99 16.19 -10.08
N ALA D 193 59.47 17.17 -10.81
CA ALA D 193 58.99 18.43 -10.25
C ALA D 193 57.56 18.77 -10.65
N CYS D 194 56.76 19.21 -9.67
CA CYS D 194 55.46 19.82 -9.90
C CYS D 194 55.58 21.30 -9.63
N GLU D 195 55.45 22.13 -10.66
CA GLU D 195 55.57 23.58 -10.53
C GLU D 195 54.19 24.20 -10.70
N VAL D 196 53.77 24.97 -9.70
CA VAL D 196 52.43 25.52 -9.63
C VAL D 196 52.50 27.04 -9.68
N THR D 197 51.66 27.64 -10.50
CA THR D 197 51.41 29.07 -10.50
C THR D 197 50.02 29.32 -9.94
N HIS D 198 49.88 30.40 -9.17
CA HIS D 198 48.57 30.75 -8.64
C HIS D 198 48.61 32.18 -8.12
N GLN D 199 47.42 32.78 -8.05
CA GLN D 199 47.28 34.11 -7.49
C GLN D 199 47.57 34.17 -5.99
N GLY D 200 47.57 33.04 -5.30
CA GLY D 200 47.92 33.04 -3.90
C GLY D 200 49.38 32.83 -3.67
N LEU D 201 50.14 32.62 -4.74
CA LEU D 201 51.59 32.49 -4.66
C LEU D 201 52.25 33.74 -5.20
N SER D 202 53.04 34.40 -4.36
CA SER D 202 53.91 35.47 -4.81
C SER D 202 54.95 34.96 -5.80
N SER D 203 55.21 33.65 -5.78
CA SER D 203 56.15 33.03 -6.71
C SER D 203 55.72 31.59 -6.94
N PRO D 204 55.88 31.07 -8.18
CA PRO D 204 55.51 29.68 -8.45
C PRO D 204 56.17 28.64 -7.57
N VAL D 205 55.41 28.16 -6.58
CA VAL D 205 55.84 27.07 -5.72
C VAL D 205 56.10 25.80 -6.54
N THR D 206 57.12 25.05 -6.14
CA THR D 206 57.56 23.87 -6.88
C THR D 206 57.90 22.75 -5.91
N LYS D 207 57.08 21.71 -5.87
CA LYS D 207 57.33 20.51 -5.06
C LYS D 207 57.86 19.38 -5.91
N SER D 208 58.92 18.73 -5.44
CA SER D 208 59.71 17.82 -6.26
C SER D 208 60.22 16.68 -5.41
N PHE D 209 60.81 15.69 -6.08
CA PHE D 209 61.42 14.59 -5.37
C PHE D 209 62.50 13.96 -6.22
N ASN D 210 63.42 13.27 -5.54
CA ASN D 210 64.51 12.50 -6.15
C ASN D 210 64.21 11.03 -6.00
N ARG D 211 64.24 10.31 -7.12
CA ARG D 211 64.16 8.86 -7.04
C ARG D 211 65.43 8.36 -6.37
N GLY D 212 65.40 8.21 -5.05
CA GLY D 212 66.59 8.08 -4.21
C GLY D 212 66.82 9.27 -3.30
#